data_8EH5
#
_entry.id   8EH5
#
_cell.length_a   1.00
_cell.length_b   1.00
_cell.length_c   1.00
_cell.angle_alpha   90.00
_cell.angle_beta   90.00
_cell.angle_gamma   90.00
#
_symmetry.space_group_name_H-M   'P 1'
#
loop_
_entity.id
_entity.type
_entity.pdbx_description
1 polymer 'Circumsporozoite protein'
2 polymer 'L9 Heavy chain'
3 polymer 'L9 Light chain'
#
loop_
_entity_poly.entity_id
_entity_poly.type
_entity_poly.pdbx_seq_one_letter_code
_entity_poly.pdbx_strand_id
1 'polypeptide(L)'
;MYGSSSNTRVLNELNYDNAGTNLYNELEMNYYGKQENWYSLKKNSRSLGENDDGNNEDNEKLRKPKHKKLKQPADGNPDP
NANPNVDPNANPNVDPNANPNVDPNANPNANPNANPNANPNANPNANPNANPNANPNANPNANPNANPNANPNANPNANP
NANPNANPNKNNQGNGQGHNMPNDPNRNVDENANANSAVKNNNNEEPSDKHIKEYLNKIQNSLSTEWSPCSVTCGNGIQV
RIKPGSANKPKDELDYANDIEKKICKMEKCSSVFNVVNS
;
G
2 'polypeptide(L)'
;QVKLVESGGGVVQPGRSLRLSCEASGFIFSTYGMHWVRQAPGKGLEWVAVIWFDGSNIYYADSVKGRFTISRDNSKNTVF
MQMDSLRAEDTAVYYCHRNFYDGSGPFDYWGQGTLVTVSSASTKGPSVFPLAPSSKSTSGGTAALGCLVKDYFPEPVTVS
WNSGALTSGVHTFPAVLQSSGLYSLSSVVTVPSSSLGTQTYICNVNHKPSNTKVDKKVEPKSCDKTH
;
H,M,O
3 'polypeptide(L)'
;DIQMTQSPSTLSASVGDRVTITCRASQFISRWLAWYQQKPGKAPKLLIYKASSLESGVPSRFSGSGSETHFTLTISSLQP
DDVATYYCQEYTSYGRTFGQGTKVEIKRTVAAPSVFIFPPSDEQLKSGTASVVCLLNNFYPREAKVQWKVDNALQSGNSQ
ESVTEQDSKDSTYSLSSTLTLSKADYEKHKVYACEVTHQGLSSPVTKSFNRGEC
;
L,N,P
#
# COMPACT_ATOMS: atom_id res chain seq x y z
N ASN A 81 -21.13 -0.43 -6.49
CA ASN A 81 -19.85 0.23 -6.65
C ASN A 81 -19.81 1.61 -5.94
N ALA A 82 -20.87 2.43 -6.13
CA ALA A 82 -21.06 3.76 -5.54
C ALA A 82 -21.30 3.68 -4.05
N ASN A 83 -20.75 4.63 -3.32
CA ASN A 83 -20.90 4.73 -1.89
C ASN A 83 -20.63 6.17 -1.50
N PRO A 84 -21.58 6.93 -0.91
CA PRO A 84 -21.45 8.35 -0.63
C PRO A 84 -20.36 8.70 0.36
N ASN A 85 -19.85 7.70 1.05
CA ASN A 85 -18.83 7.95 2.02
C ASN A 85 -17.46 7.72 1.45
N VAL A 86 -17.37 7.42 0.16
CA VAL A 86 -16.09 7.10 -0.44
C VAL A 86 -15.82 7.98 -1.67
N ASP A 87 -14.68 8.66 -1.71
CA ASP A 87 -14.38 9.49 -2.92
C ASP A 87 -13.67 8.66 -4.01
N PRO A 88 -14.31 8.34 -5.17
CA PRO A 88 -13.78 7.49 -6.23
C PRO A 88 -12.78 8.19 -7.15
N ASN A 89 -11.71 8.71 -6.59
CA ASN A 89 -10.70 9.44 -7.34
C ASN A 89 -9.29 9.05 -6.93
N ALA A 90 -8.65 8.30 -7.80
CA ALA A 90 -7.33 7.80 -7.53
C ALA A 90 -6.29 8.89 -7.63
N ASN A 91 -5.25 8.74 -6.84
CA ASN A 91 -4.10 9.62 -6.88
C ASN A 91 -3.27 9.21 -8.10
N PRO A 92 -3.03 10.05 -9.11
CA PRO A 92 -2.29 9.72 -10.32
C PRO A 92 -0.90 9.17 -10.07
N ASN A 93 -0.35 9.43 -8.89
CA ASN A 93 0.98 9.00 -8.57
C ASN A 93 1.03 7.68 -7.84
N VAL A 94 -0.11 7.05 -7.61
CA VAL A 94 -0.12 5.79 -6.87
C VAL A 94 -0.91 4.74 -7.64
N ASP A 95 -0.35 3.56 -7.88
CA ASP A 95 -1.11 2.54 -8.62
C ASP A 95 -2.19 1.91 -7.71
N PRO A 96 -3.51 2.09 -7.97
CA PRO A 96 -4.60 1.61 -7.13
C PRO A 96 -4.91 0.13 -7.35
N ASN A 97 -3.91 -0.71 -7.08
CA ASN A 97 -4.01 -2.15 -7.32
C ASN A 97 -3.17 -2.92 -6.31
N ALA A 98 -3.17 -4.23 -6.42
CA ALA A 98 -2.39 -5.05 -5.53
C ALA A 98 -1.94 -6.30 -6.23
N ASN A 99 -0.82 -6.82 -5.78
CA ASN A 99 -0.23 -8.05 -6.27
C ASN A 99 -0.92 -9.23 -5.61
N PRO A 100 -1.62 -10.13 -6.31
CA PRO A 100 -2.39 -11.23 -5.76
C PRO A 100 -1.54 -12.26 -5.03
N ASN A 101 -0.24 -12.21 -5.23
CA ASN A 101 0.63 -13.17 -4.60
C ASN A 101 1.12 -12.67 -3.26
N VAL A 102 0.72 -11.46 -2.90
CA VAL A 102 1.19 -10.84 -1.69
C VAL A 102 0.00 -10.32 -0.85
N ASP A 103 -0.04 -10.64 0.43
CA ASP A 103 -1.15 -10.11 1.25
C ASP A 103 -1.11 -8.59 1.26
N PRO A 104 -2.14 -7.87 0.72
CA PRO A 104 -2.18 -6.42 0.68
C PRO A 104 -1.89 -5.80 2.04
N ASN A 105 -2.33 -6.43 3.13
CA ASN A 105 -2.03 -5.88 4.44
C ASN A 105 -0.72 -6.44 4.96
N ALA A 106 0.39 -6.14 4.24
CA ALA A 106 1.74 -6.66 4.49
C ALA A 106 1.66 -8.19 4.53
N GLN B 1 20.66 1.08 -9.47
CA GLN B 1 20.73 0.77 -10.91
C GLN B 1 19.99 1.81 -11.80
N VAL B 2 19.15 2.68 -11.20
CA VAL B 2 18.43 3.76 -11.87
C VAL B 2 19.12 5.08 -11.72
N LYS B 3 19.30 5.71 -12.87
CA LYS B 3 19.94 6.98 -12.96
C LYS B 3 19.06 7.94 -13.72
N LEU B 4 19.00 9.17 -13.24
CA LEU B 4 18.47 10.26 -14.09
C LEU B 4 19.63 11.24 -14.18
N VAL B 5 20.08 11.58 -15.39
CA VAL B 5 21.22 12.47 -15.49
C VAL B 5 20.94 13.76 -16.23
N GLU B 6 21.07 14.85 -15.50
CA GLU B 6 20.81 16.18 -16.00
C GLU B 6 21.99 16.74 -16.75
N SER B 7 21.72 17.49 -17.80
CA SER B 7 22.73 18.21 -18.54
C SER B 7 22.12 19.40 -19.27
N GLY B 8 22.97 20.27 -19.83
CA GLY B 8 22.47 21.45 -20.56
C GLY B 8 22.45 22.72 -19.72
N GLY B 9 23.06 22.66 -18.55
CA GLY B 9 23.13 23.81 -17.66
C GLY B 9 24.26 24.70 -18.12
N GLY B 10 24.64 25.68 -17.32
CA GLY B 10 25.66 26.63 -17.74
C GLY B 10 25.21 28.04 -17.44
N VAL B 11 25.89 29.01 -18.02
CA VAL B 11 25.58 30.41 -17.75
C VAL B 11 24.94 31.02 -18.97
N VAL B 12 23.75 31.56 -18.79
CA VAL B 12 23.02 32.17 -19.88
C VAL B 12 22.63 33.60 -19.57
N GLN B 13 22.84 34.48 -20.53
CA GLN B 13 22.51 35.88 -20.38
C GLN B 13 21.01 36.05 -20.18
N PRO B 14 20.54 36.91 -19.27
CA PRO B 14 19.14 37.17 -19.04
C PRO B 14 18.46 37.53 -20.34
N GLY B 15 17.27 36.99 -20.54
CA GLY B 15 16.46 37.20 -21.73
C GLY B 15 16.66 36.09 -22.77
N ARG B 16 17.68 35.25 -22.60
CA ARG B 16 17.91 34.18 -23.56
C ARG B 16 17.33 32.87 -23.04
N SER B 17 17.83 31.73 -23.54
CA SER B 17 17.24 30.45 -23.17
C SER B 17 18.23 29.30 -23.11
N LEU B 18 17.83 28.28 -22.37
CA LEU B 18 18.55 27.01 -22.25
C LEU B 18 17.65 25.83 -22.52
N ARG B 19 18.25 24.74 -22.96
CA ARG B 19 17.51 23.51 -23.15
C ARG B 19 18.13 22.44 -22.29
N LEU B 20 17.46 22.09 -21.20
CA LEU B 20 18.02 21.13 -20.27
C LEU B 20 17.50 19.79 -20.66
N SER B 21 18.20 18.75 -20.30
CA SER B 21 17.67 17.44 -20.56
C SER B 21 18.03 16.50 -19.42
N CYS B 22 17.25 15.41 -19.29
CA CYS B 22 17.43 14.34 -18.32
C CYS B 22 17.43 12.98 -19.01
N GLU B 23 18.56 12.32 -19.01
CA GLU B 23 18.66 11.03 -19.64
C GLU B 23 18.19 9.97 -18.68
N ALA B 24 17.24 9.12 -19.11
CA ALA B 24 16.81 8.06 -18.23
C ALA B 24 17.64 6.81 -18.45
N SER B 25 17.98 6.13 -17.38
CA SER B 25 18.68 4.87 -17.50
C SER B 25 18.33 3.95 -16.35
N GLY B 26 18.23 2.65 -16.63
CA GLY B 26 17.92 1.67 -15.59
C GLY B 26 16.42 1.38 -15.54
N PHE B 27 15.72 2.00 -16.46
CA PHE B 27 14.24 1.93 -16.47
C PHE B 27 13.74 2.63 -17.72
N ILE B 28 12.81 2.01 -18.41
CA ILE B 28 12.18 2.74 -19.54
C ILE B 28 11.24 3.72 -18.86
N PHE B 29 11.06 4.92 -19.41
CA PHE B 29 10.06 5.81 -18.80
C PHE B 29 8.77 5.24 -19.35
N SER B 30 8.43 4.03 -18.91
CA SER B 30 7.21 3.32 -19.34
C SER B 30 5.91 3.95 -18.84
N THR B 31 5.84 4.35 -17.55
CA THR B 31 4.53 4.79 -17.02
C THR B 31 4.51 6.11 -16.26
N TYR B 32 5.14 6.18 -15.09
CA TYR B 32 5.00 7.39 -14.24
C TYR B 32 5.77 8.59 -14.80
N GLY B 33 5.32 9.83 -14.53
CA GLY B 33 5.92 11.04 -15.13
C GLY B 33 7.18 11.51 -14.47
N MET B 34 7.78 12.55 -15.05
CA MET B 34 9.07 13.02 -14.61
C MET B 34 8.98 14.48 -14.29
N HIS B 35 9.66 14.88 -13.24
CA HIS B 35 9.60 16.23 -12.75
C HIS B 35 10.91 16.95 -12.72
N TRP B 36 10.84 18.25 -12.93
CA TRP B 36 11.97 19.11 -12.69
C TRP B 36 11.73 19.84 -11.40
N VAL B 37 12.71 19.79 -10.53
CA VAL B 37 12.66 20.42 -9.24
C VAL B 37 13.79 21.42 -9.16
N ARG B 38 13.46 22.63 -8.80
CA ARG B 38 14.42 23.69 -8.77
C ARG B 38 14.88 24.08 -7.39
N GLN B 39 16.16 24.34 -7.24
CA GLN B 39 16.62 24.85 -5.97
C GLN B 39 17.53 26.05 -6.09
N ALA B 40 17.00 27.23 -5.83
CA ALA B 40 17.82 28.42 -5.95
C ALA B 40 18.87 28.30 -4.87
N PRO B 41 20.11 28.74 -5.04
CA PRO B 41 21.11 28.63 -4.01
C PRO B 41 20.62 29.27 -2.73
N GLY B 42 20.76 28.57 -1.62
CA GLY B 42 20.37 29.07 -0.31
C GLY B 42 18.88 28.91 0.03
N LYS B 43 18.09 28.41 -0.91
CA LYS B 43 16.67 28.26 -0.74
C LYS B 43 16.23 26.81 -0.80
N GLY B 44 14.98 26.56 -0.43
CA GLY B 44 14.45 25.22 -0.47
C GLY B 44 14.01 24.83 -1.86
N LEU B 45 13.40 23.68 -1.97
CA LEU B 45 13.02 23.13 -3.24
C LEU B 45 11.74 23.73 -3.73
N GLU B 46 11.64 23.90 -5.04
CA GLU B 46 10.44 24.35 -5.68
C GLU B 46 10.10 23.42 -6.82
N TRP B 47 8.89 22.96 -6.89
CA TRP B 47 8.59 22.13 -8.02
C TRP B 47 8.44 23.04 -9.21
N VAL B 48 8.99 22.66 -10.37
CA VAL B 48 8.83 23.48 -11.56
C VAL B 48 7.92 22.91 -12.60
N ALA B 49 8.14 21.67 -12.99
CA ALA B 49 7.28 21.12 -14.05
C ALA B 49 7.21 19.61 -14.03
N VAL B 50 6.09 19.08 -14.55
CA VAL B 50 5.93 17.64 -14.70
C VAL B 50 5.51 17.30 -16.08
N ILE B 51 6.12 16.26 -16.62
CA ILE B 51 5.69 15.73 -17.88
C ILE B 51 5.20 14.34 -17.59
N TRP B 52 4.05 14.01 -18.11
CA TRP B 52 3.53 12.72 -17.82
C TRP B 52 3.86 11.82 -18.97
N PHE B 53 3.86 10.53 -18.71
CA PHE B 53 4.10 9.58 -19.75
C PHE B 53 3.12 9.84 -20.88
N ASP B 54 3.62 9.74 -22.10
CA ASP B 54 2.94 10.02 -23.36
C ASP B 54 2.66 11.51 -23.60
N GLY B 55 3.17 12.39 -22.75
CA GLY B 55 3.07 13.82 -22.97
C GLY B 55 1.69 14.42 -22.73
N SER B 56 0.88 13.80 -21.88
CA SER B 56 -0.47 14.28 -21.63
C SER B 56 -0.60 15.26 -20.47
N ASN B 57 -0.47 14.77 -19.27
CA ASN B 57 -0.71 15.58 -18.10
C ASN B 57 0.47 16.41 -17.68
N ILE B 58 0.64 17.50 -18.43
CA ILE B 58 1.75 18.43 -18.24
C ILE B 58 1.36 19.66 -17.46
N TYR B 59 2.08 19.87 -16.37
CA TYR B 59 1.81 20.99 -15.48
C TYR B 59 3.07 21.74 -15.13
N TYR B 60 2.91 23.03 -14.87
CA TYR B 60 4.01 23.90 -14.48
C TYR B 60 3.65 24.69 -13.25
N ALA B 61 4.66 25.11 -12.52
CA ALA B 61 4.49 26.02 -11.41
C ALA B 61 4.09 27.36 -11.97
N ASP B 62 3.31 28.15 -11.24
CA ASP B 62 2.94 29.46 -11.78
C ASP B 62 4.12 30.35 -12.09
N SER B 63 5.19 30.20 -11.32
CA SER B 63 6.38 31.02 -11.44
C SER B 63 7.14 30.89 -12.76
N VAL B 64 6.86 29.83 -13.53
CA VAL B 64 7.51 29.64 -14.80
C VAL B 64 6.50 29.58 -15.95
N LYS B 65 5.23 29.87 -15.68
CA LYS B 65 4.27 29.75 -16.76
C LYS B 65 4.49 30.81 -17.79
N GLY B 66 4.36 30.38 -19.04
CA GLY B 66 4.53 31.26 -20.17
C GLY B 66 5.99 31.34 -20.57
N ARG B 67 6.87 30.70 -19.79
CA ARG B 67 8.28 30.78 -20.10
C ARG B 67 8.86 29.40 -20.33
N PHE B 68 8.43 28.40 -19.55
CA PHE B 68 9.02 27.08 -19.73
C PHE B 68 8.10 26.15 -20.51
N THR B 69 8.70 25.29 -21.34
CA THR B 69 7.99 24.26 -22.09
C THR B 69 8.64 22.90 -21.83
N ILE B 70 7.85 21.88 -21.52
CA ILE B 70 8.46 20.58 -21.25
C ILE B 70 7.98 19.57 -22.29
N SER B 71 8.90 18.73 -22.77
CA SER B 71 8.56 17.72 -23.77
C SER B 71 9.44 16.46 -23.68
N ARG B 72 8.94 15.35 -24.23
CA ARG B 72 9.73 14.13 -24.22
C ARG B 72 10.14 13.64 -25.59
N ASP B 73 11.37 13.18 -25.65
CA ASP B 73 11.89 12.50 -26.81
C ASP B 73 11.53 11.07 -26.58
N ASN B 74 10.61 10.59 -27.39
CA ASN B 74 10.02 9.30 -27.16
C ASN B 74 10.82 8.17 -27.81
N SER B 75 11.93 8.51 -28.45
CA SER B 75 12.78 7.51 -29.06
C SER B 75 14.02 7.27 -28.20
N LYS B 76 14.52 8.33 -27.56
CA LYS B 76 15.74 8.25 -26.76
C LYS B 76 15.52 8.09 -25.25
N ASN B 77 14.27 7.96 -24.82
CA ASN B 77 13.97 7.80 -23.39
C ASN B 77 14.54 8.98 -22.58
N THR B 78 14.28 10.20 -23.06
CA THR B 78 14.78 11.38 -22.36
C THR B 78 13.82 12.57 -22.36
N VAL B 79 13.87 13.34 -21.29
CA VAL B 79 13.01 14.51 -21.15
C VAL B 79 13.75 15.82 -21.24
N PHE B 80 13.20 16.72 -22.04
CA PHE B 80 13.76 18.03 -22.28
C PHE B 80 12.91 19.14 -21.70
N MET B 81 13.56 20.20 -21.25
CA MET B 81 12.83 21.36 -20.79
C MET B 81 13.46 22.60 -21.39
N GLN B 82 12.65 23.33 -22.12
CA GLN B 82 13.06 24.52 -22.83
C GLN B 82 12.73 25.70 -21.95
N MET B 83 13.73 26.44 -21.53
CA MET B 83 13.47 27.54 -20.62
C MET B 83 13.71 28.85 -21.30
N ASP B 84 12.65 29.52 -21.72
CA ASP B 84 12.78 30.74 -22.46
C ASP B 84 12.67 31.94 -21.57
N SER B 85 13.20 33.06 -22.04
CA SER B 85 13.10 34.31 -21.28
C SER B 85 13.56 34.15 -19.84
N LEU B 86 14.74 33.57 -19.66
CA LEU B 86 15.32 33.37 -18.32
C LEU B 86 15.66 34.67 -17.64
N ARG B 87 15.44 34.71 -16.33
CA ARG B 87 15.68 35.89 -15.51
C ARG B 87 16.59 35.58 -14.36
N ALA B 88 17.14 36.58 -13.72
CA ALA B 88 18.07 36.35 -12.61
C ALA B 88 17.50 35.48 -11.49
N GLU B 89 16.20 35.58 -11.22
CA GLU B 89 15.59 34.81 -10.15
C GLU B 89 15.50 33.31 -10.45
N ASP B 90 15.80 32.90 -11.67
CA ASP B 90 15.72 31.50 -12.07
C ASP B 90 17.03 30.77 -11.82
N THR B 91 18.03 31.44 -11.23
CA THR B 91 19.27 30.73 -10.96
C THR B 91 18.94 29.63 -10.01
N ALA B 92 19.30 28.42 -10.37
CA ALA B 92 18.99 27.29 -9.53
C ALA B 92 19.61 26.03 -10.00
N VAL B 93 19.65 25.07 -9.12
CA VAL B 93 19.99 23.74 -9.53
C VAL B 93 18.73 23.08 -10.00
N TYR B 94 18.75 22.53 -11.20
CA TYR B 94 17.57 21.86 -11.70
C TYR B 94 17.79 20.37 -11.66
N TYR B 95 17.01 19.72 -10.83
CA TYR B 95 17.10 18.30 -10.60
C TYR B 95 16.02 17.58 -11.36
N CYS B 96 16.32 16.38 -11.84
CA CYS B 96 15.40 15.46 -12.50
C CYS B 96 14.91 14.45 -11.44
N HIS B 97 13.59 14.20 -11.42
CA HIS B 97 13.02 13.32 -10.38
C HIS B 97 11.77 12.63 -10.92
N ARG B 98 11.60 11.34 -10.61
CA ARG B 98 10.39 10.59 -11.04
C ARG B 98 9.80 9.95 -9.80
N ASN B 99 8.56 10.28 -9.44
CA ASN B 99 8.05 9.71 -8.17
C ASN B 99 6.78 9.00 -8.50
N PHE B 100 6.66 7.81 -7.98
CA PHE B 100 5.44 7.04 -8.19
C PHE B 100 5.53 6.00 -7.11
N TYR B 101 4.42 5.74 -6.47
CA TYR B 101 4.36 4.66 -5.53
C TYR B 101 3.59 3.47 -6.06
N ASP B 102 4.01 2.25 -5.72
CA ASP B 102 3.25 1.09 -6.17
C ASP B 102 3.42 -0.18 -5.37
N GLY B 103 2.69 -0.34 -4.26
CA GLY B 103 2.67 -1.64 -3.58
C GLY B 103 3.92 -2.01 -2.79
N SER B 104 4.98 -2.30 -3.53
CA SER B 104 6.28 -2.75 -3.05
C SER B 104 7.05 -1.68 -2.33
N GLY B 105 6.62 -0.44 -2.51
CA GLY B 105 7.25 0.70 -1.89
C GLY B 105 7.33 1.89 -2.83
N PRO B 106 7.97 2.96 -2.39
CA PRO B 106 8.18 4.15 -3.14
C PRO B 106 9.30 4.03 -4.11
N PHE B 107 9.20 4.78 -5.21
CA PHE B 107 10.34 4.89 -6.14
C PHE B 107 10.72 6.36 -6.29
N ASP B 108 11.65 6.88 -5.49
CA ASP B 108 11.97 8.33 -5.53
C ASP B 108 12.75 8.74 -6.79
N TYR B 109 13.84 8.05 -7.13
CA TYR B 109 14.70 8.40 -8.29
C TYR B 109 14.95 9.91 -8.36
N TRP B 110 16.07 10.36 -7.79
CA TRP B 110 16.59 11.71 -7.96
C TRP B 110 17.89 11.69 -8.75
N GLY B 111 18.09 12.71 -9.57
CA GLY B 111 19.33 12.88 -10.31
C GLY B 111 20.36 13.68 -9.52
N GLN B 112 21.36 14.24 -10.22
CA GLN B 112 22.45 14.94 -9.56
C GLN B 112 22.21 16.43 -9.48
N GLY B 113 21.61 16.94 -10.53
CA GLY B 113 21.29 18.35 -10.64
C GLY B 113 22.24 19.14 -11.50
N THR B 114 21.70 19.94 -12.41
CA THR B 114 22.55 20.76 -13.26
C THR B 114 22.36 22.21 -12.87
N LEU B 115 23.43 22.96 -12.73
CA LEU B 115 23.27 24.34 -12.34
C LEU B 115 23.10 25.30 -13.48
N VAL B 116 22.04 26.06 -13.38
CA VAL B 116 21.69 27.09 -14.28
C VAL B 116 21.93 28.44 -13.66
N THR B 117 22.81 29.21 -14.27
CA THR B 117 23.12 30.55 -13.81
C THR B 117 22.59 31.51 -14.83
N VAL B 118 21.86 32.48 -14.36
CA VAL B 118 21.19 33.45 -15.22
C VAL B 118 21.52 34.92 -14.97
N SER B 119 22.78 35.20 -14.58
CA SER B 119 23.34 36.53 -14.31
C SER B 119 24.17 37.01 -15.52
N ASP C 1 -4.44 25.45 -5.82
CA ASP C 1 -3.28 26.13 -5.24
C ASP C 1 -3.16 25.75 -3.74
N ILE C 2 -2.16 24.91 -3.41
CA ILE C 2 -1.90 24.44 -2.05
C ILE C 2 -0.61 25.04 -1.53
N GLN C 3 -0.72 25.72 -0.41
CA GLN C 3 0.43 26.34 0.21
C GLN C 3 0.88 25.57 1.42
N MET C 4 1.91 24.75 1.26
CA MET C 4 2.35 23.92 2.37
C MET C 4 3.31 24.68 3.26
N THR C 5 3.03 24.71 4.55
CA THR C 5 3.92 25.41 5.47
C THR C 5 4.49 24.58 6.58
N GLN C 6 5.80 24.68 6.73
CA GLN C 6 6.51 23.99 7.80
C GLN C 6 6.83 25.02 8.86
N SER C 7 6.28 24.82 10.03
CA SER C 7 6.38 25.82 11.07
C SER C 7 7.76 26.07 11.72
N PRO C 8 8.47 25.07 12.24
CA PRO C 8 9.71 25.25 12.94
C PRO C 8 10.85 25.42 11.97
N SER C 9 10.99 26.60 11.36
CA SER C 9 11.97 26.74 10.30
C SER C 9 13.40 26.40 10.76
N THR C 10 13.69 26.59 12.04
CA THR C 10 14.98 26.18 12.57
C THR C 10 14.76 25.38 13.83
N LEU C 11 15.40 24.23 13.91
CA LEU C 11 15.34 23.37 15.07
C LEU C 11 16.74 23.20 15.57
N SER C 12 16.88 23.03 16.86
CA SER C 12 18.19 22.78 17.42
C SER C 12 18.06 21.92 18.64
N ALA C 13 18.81 20.83 18.67
CA ALA C 13 18.73 19.97 19.83
C ALA C 13 19.99 19.16 20.03
N SER C 14 20.21 18.68 21.23
CA SER C 14 21.36 17.84 21.50
C SER C 14 21.15 16.43 20.99
N VAL C 15 22.21 15.68 20.92
CA VAL C 15 22.09 14.32 20.45
C VAL C 15 21.33 13.49 21.46
N GLY C 16 20.35 12.76 20.95
CA GLY C 16 19.48 11.91 21.74
C GLY C 16 18.15 12.59 22.04
N ASP C 17 18.07 13.88 21.74
CA ASP C 17 16.86 14.63 21.99
C ASP C 17 15.80 14.30 20.94
N ARG C 18 14.56 14.58 21.25
CA ARG C 18 13.46 14.33 20.35
C ARG C 18 12.95 15.60 19.72
N VAL C 19 12.93 15.65 18.41
CA VAL C 19 12.45 16.86 17.78
C VAL C 19 11.34 16.58 16.83
N THR C 20 10.46 17.55 16.63
CA THR C 20 9.42 17.35 15.67
C THR C 20 9.32 18.50 14.73
N ILE C 21 8.87 18.20 13.54
CA ILE C 21 8.63 19.16 12.50
C ILE C 21 7.19 19.09 12.08
N THR C 22 6.47 20.19 12.10
CA THR C 22 5.09 20.10 11.67
C THR C 22 4.97 20.72 10.30
N CYS C 23 3.90 20.35 9.55
CA CYS C 23 3.55 20.79 8.21
C CYS C 23 2.04 20.97 8.09
N ARG C 24 1.62 22.12 7.62
CA ARG C 24 0.21 22.42 7.51
C ARG C 24 -0.23 22.73 6.10
N ALA C 25 -1.23 21.99 5.62
CA ALA C 25 -1.77 22.21 4.29
C ALA C 25 -2.85 23.25 4.32
N SER C 26 -2.99 23.99 3.25
CA SER C 26 -4.06 24.95 3.11
C SER C 26 -5.34 24.32 2.57
N GLN C 27 -5.23 23.08 2.13
CA GLN C 27 -6.32 22.31 1.57
C GLN C 27 -6.25 20.90 2.08
N PHE C 28 -7.35 20.18 2.07
CA PHE C 28 -7.30 18.78 2.39
C PHE C 28 -6.43 18.03 1.37
N ILE C 29 -5.45 17.25 1.86
CA ILE C 29 -4.59 16.47 0.97
C ILE C 29 -4.61 14.96 1.25
N SER C 30 -5.51 14.54 2.12
CA SER C 30 -5.77 13.14 2.44
C SER C 30 -4.55 12.27 2.77
N ARG C 31 -3.67 12.71 3.63
CA ARG C 31 -2.47 11.91 4.03
C ARG C 31 -1.40 11.77 2.95
N TRP C 32 -1.62 12.36 1.78
CA TRP C 32 -0.65 12.26 0.72
C TRP C 32 0.42 13.31 0.85
N LEU C 33 1.23 13.10 1.86
CA LEU C 33 2.32 13.98 2.19
C LEU C 33 3.57 13.16 2.42
N ALA C 34 4.62 13.47 1.69
CA ALA C 34 5.89 12.78 1.83
C ALA C 34 6.89 13.64 2.54
N TRP C 35 7.87 13.04 3.20
CA TRP C 35 8.92 13.87 3.80
C TRP C 35 10.28 13.51 3.24
N TYR C 36 11.12 14.52 2.99
CA TYR C 36 12.46 14.35 2.45
C TYR C 36 13.56 14.97 3.28
N GLN C 37 14.71 14.32 3.26
CA GLN C 37 15.89 14.79 3.96
C GLN C 37 16.98 15.23 3.01
N GLN C 38 17.29 16.53 2.96
CA GLN C 38 18.30 17.00 2.04
C GLN C 38 19.56 17.48 2.72
N LYS C 39 20.65 16.78 2.50
CA LYS C 39 21.89 17.20 3.10
C LYS C 39 22.47 18.22 2.14
N PRO C 40 23.30 19.17 2.57
CA PRO C 40 23.84 20.17 1.71
C PRO C 40 24.57 19.60 0.51
N GLY C 41 24.25 20.11 -0.66
CA GLY C 41 24.91 19.71 -1.91
C GLY C 41 24.38 18.43 -2.54
N LYS C 42 23.42 17.78 -1.92
CA LYS C 42 22.92 16.52 -2.44
C LYS C 42 21.45 16.55 -2.80
N ALA C 43 21.03 15.64 -3.68
CA ALA C 43 19.61 15.51 -3.95
C ALA C 43 18.99 15.00 -2.66
N PRO C 44 17.74 15.33 -2.34
CA PRO C 44 17.05 14.88 -1.16
C PRO C 44 16.73 13.39 -1.14
N LYS C 45 16.78 12.80 0.05
CA LYS C 45 16.40 11.42 0.30
C LYS C 45 14.96 11.30 0.76
N LEU C 46 14.18 10.41 0.18
CA LEU C 46 12.83 10.22 0.71
C LEU C 46 12.87 9.45 2.03
N LEU C 47 12.20 9.99 3.06
CA LEU C 47 12.15 9.34 4.35
C LEU C 47 10.81 8.70 4.63
N ILE C 48 9.76 9.50 4.49
CA ILE C 48 8.41 9.06 4.78
C ILE C 48 7.62 9.00 3.50
N TYR C 49 7.09 7.83 3.24
CA TYR C 49 6.34 7.49 2.06
C TYR C 49 5.03 8.24 1.97
N LYS C 50 4.24 8.06 2.99
CA LYS C 50 2.90 8.61 3.12
C LYS C 50 2.81 9.00 4.55
N ALA C 51 1.98 9.95 4.94
CA ALA C 51 1.99 10.20 6.36
C ALA C 51 1.70 8.88 7.05
N SER C 52 2.48 8.59 8.10
CA SER C 52 2.45 7.38 8.96
C SER C 52 3.28 6.19 8.45
N SER C 53 3.77 6.24 7.21
CA SER C 53 4.50 5.11 6.66
C SER C 53 5.91 5.45 6.20
N LEU C 54 6.86 4.79 6.87
CA LEU C 54 8.31 4.95 6.70
C LEU C 54 8.85 4.15 5.52
N GLU C 55 9.73 4.76 4.73
CA GLU C 55 10.37 4.07 3.62
C GLU C 55 11.41 3.06 4.05
N SER C 56 11.44 1.92 3.37
CA SER C 56 12.40 0.89 3.68
C SER C 56 13.82 1.43 3.58
N GLY C 57 14.65 1.07 4.54
CA GLY C 57 16.03 1.49 4.56
C GLY C 57 16.25 2.76 5.39
N VAL C 58 15.17 3.42 5.77
CA VAL C 58 15.27 4.63 6.55
C VAL C 58 15.25 4.26 8.03
N PRO C 59 16.16 4.76 8.86
CA PRO C 59 16.22 4.46 10.27
C PRO C 59 14.90 4.72 10.96
N SER C 60 14.64 3.89 11.97
CA SER C 60 13.42 3.86 12.78
C SER C 60 13.20 5.13 13.58
N ARG C 61 14.22 5.96 13.63
CA ARG C 61 14.17 7.23 14.30
C ARG C 61 13.10 8.09 13.64
N PHE C 62 12.90 7.93 12.33
CA PHE C 62 11.97 8.78 11.62
C PHE C 62 10.57 8.21 11.65
N SER C 63 9.64 8.99 12.15
CA SER C 63 8.26 8.54 12.24
C SER C 63 7.25 9.62 11.85
N GLY C 64 6.49 9.36 10.81
CA GLY C 64 5.52 10.36 10.37
C GLY C 64 4.17 10.12 11.04
N SER C 65 3.34 11.15 11.07
CA SER C 65 1.98 11.04 11.59
C SER C 65 1.09 12.18 11.10
N GLY C 66 -0.21 12.07 11.33
CA GLY C 66 -1.13 13.16 11.02
C GLY C 66 -1.96 12.92 9.78
N SER C 67 -2.98 13.74 9.61
CA SER C 67 -3.89 13.59 8.51
C SER C 67 -4.62 14.85 8.08
N GLU C 68 -5.11 14.78 6.85
CA GLU C 68 -5.91 15.77 6.14
C GLU C 68 -5.16 17.05 5.86
N THR C 69 -4.91 17.82 6.90
CA THR C 69 -4.18 19.05 6.77
C THR C 69 -3.03 19.22 7.73
N HIS C 70 -2.98 18.47 8.82
CA HIS C 70 -1.93 18.70 9.79
C HIS C 70 -1.05 17.50 9.97
N PHE C 71 0.19 17.65 9.60
CA PHE C 71 1.13 16.55 9.61
C PHE C 71 2.36 16.79 10.43
N THR C 72 2.95 15.72 10.94
CA THR C 72 4.18 15.83 11.71
C THR C 72 5.22 14.78 11.34
N LEU C 73 6.49 15.19 11.39
CA LEU C 73 7.62 14.27 11.32
C LEU C 73 8.34 14.29 12.64
N THR C 74 8.46 13.14 13.26
CA THR C 74 9.14 13.05 14.53
C THR C 74 10.47 12.37 14.36
N ILE C 75 11.52 12.95 14.92
CA ILE C 75 12.81 12.31 14.87
C ILE C 75 13.20 11.95 16.29
N SER C 76 13.13 10.66 16.60
CA SER C 76 13.43 10.23 17.94
C SER C 76 14.92 10.09 18.06
N SER C 77 15.46 10.30 19.25
CA SER C 77 16.88 10.07 19.47
C SER C 77 17.75 10.70 18.39
N LEU C 78 17.60 12.00 18.17
CA LEU C 78 18.27 12.70 17.09
C LEU C 78 19.76 12.47 17.09
N GLN C 79 20.30 12.11 15.93
CA GLN C 79 21.72 11.84 15.75
C GLN C 79 22.42 12.94 14.96
N PRO C 80 23.76 13.06 15.01
CA PRO C 80 24.53 13.99 14.20
C PRO C 80 24.32 13.77 12.70
N ASP C 81 23.91 12.57 12.35
CA ASP C 81 23.71 12.19 10.97
C ASP C 81 22.40 12.72 10.45
N ASP C 82 21.60 13.30 11.33
CA ASP C 82 20.31 13.81 10.96
C ASP C 82 20.38 15.29 10.66
N VAL C 83 21.58 15.88 10.63
CA VAL C 83 21.58 17.29 10.26
C VAL C 83 21.31 17.36 8.78
N ALA C 84 20.21 18.00 8.45
CA ALA C 84 19.70 18.10 7.10
C ALA C 84 18.59 19.11 7.07
N THR C 85 18.20 19.51 5.87
CA THR C 85 17.02 20.31 5.76
C THR C 85 15.88 19.37 5.40
N TYR C 86 14.83 19.40 6.17
CA TYR C 86 13.72 18.50 5.93
C TYR C 86 12.60 19.21 5.25
N TYR C 87 12.01 18.57 4.26
CA TYR C 87 10.92 19.16 3.53
C TYR C 87 9.70 18.28 3.55
N CYS C 88 8.50 18.88 3.57
CA CYS C 88 7.25 18.15 3.43
C CYS C 88 6.83 18.34 1.98
N GLN C 89 6.24 17.30 1.39
CA GLN C 89 5.81 17.36 0.01
C GLN C 89 4.40 16.88 -0.27
N GLU C 90 3.58 17.75 -0.81
CA GLU C 90 2.21 17.41 -1.18
C GLU C 90 2.21 16.65 -2.48
N TYR C 91 1.53 15.50 -2.55
CA TYR C 91 1.52 14.77 -3.82
C TYR C 91 0.14 14.27 -4.20
N THR C 92 -0.87 15.12 -4.20
CA THR C 92 -2.23 14.66 -4.44
C THR C 92 -2.63 14.63 -5.89
N SER C 93 -1.81 15.23 -6.72
CA SER C 93 -2.14 15.36 -8.12
C SER C 93 -0.89 15.38 -8.96
N TYR C 94 -0.99 16.00 -10.12
CA TYR C 94 0.16 16.06 -10.97
C TYR C 94 0.96 17.21 -10.42
N GLY C 95 2.22 16.99 -10.24
CA GLY C 95 3.09 18.01 -9.68
C GLY C 95 3.21 17.79 -8.19
N ARG C 96 4.05 18.56 -7.54
CA ARG C 96 4.31 18.42 -6.13
C ARG C 96 4.45 19.76 -5.46
N THR C 97 4.03 19.88 -4.22
CA THR C 97 4.27 21.17 -3.55
C THR C 97 5.20 20.95 -2.40
N PHE C 98 6.29 21.68 -2.38
CA PHE C 98 7.24 21.53 -1.30
C PHE C 98 7.03 22.62 -0.27
N GLY C 99 7.28 22.30 1.00
CA GLY C 99 7.21 23.32 2.04
C GLY C 99 8.48 24.13 2.05
N GLN C 100 8.58 25.10 2.94
CA GLN C 100 9.76 25.96 2.98
C GLN C 100 11.00 25.22 3.36
N GLY C 101 10.82 24.23 4.22
CA GLY C 101 11.88 23.39 4.72
C GLY C 101 12.32 23.85 6.08
N THR C 102 12.75 22.91 6.89
CA THR C 102 13.22 23.27 8.20
C THR C 102 14.60 22.71 8.36
N LYS C 103 15.45 23.42 9.07
CA LYS C 103 16.80 22.92 9.26
C LYS C 103 17.00 22.36 10.64
N VAL C 104 17.55 21.17 10.73
CA VAL C 104 17.80 20.59 12.05
C VAL C 104 19.27 20.62 12.41
N GLU C 105 19.60 21.35 13.47
CA GLU C 105 20.96 21.52 13.94
C GLU C 105 21.22 20.76 15.24
N ILE C 106 22.50 20.47 15.51
CA ILE C 106 22.90 19.78 16.72
C ILE C 106 23.66 20.68 17.70
N LYS C 107 23.26 20.65 18.99
CA LYS C 107 23.87 21.39 20.11
C LYS C 107 25.16 20.70 20.64
N GLN D 1 -4.79 19.92 13.60
CA GLN D 1 -5.13 18.60 14.07
C GLN D 1 -6.66 18.53 14.19
N VAL D 2 -7.28 17.47 13.62
CA VAL D 2 -8.74 17.28 13.64
C VAL D 2 -9.29 16.70 14.92
N LYS D 3 -10.28 17.42 15.44
CA LYS D 3 -10.99 17.08 16.64
C LYS D 3 -12.47 17.41 16.49
N LEU D 4 -13.30 16.64 17.18
CA LEU D 4 -14.71 16.90 17.26
C LEU D 4 -15.03 17.12 18.71
N VAL D 5 -15.51 18.31 19.08
CA VAL D 5 -15.73 18.54 20.49
C VAL D 5 -17.18 18.74 20.86
N GLU D 6 -17.73 17.79 21.60
CA GLU D 6 -19.11 17.86 21.98
C GLU D 6 -19.30 18.71 23.23
N SER D 7 -20.47 19.32 23.33
CA SER D 7 -20.88 20.10 24.49
C SER D 7 -22.40 20.27 24.55
N GLY D 8 -22.91 20.81 25.67
CA GLY D 8 -24.35 21.08 25.76
C GLY D 8 -25.21 20.02 26.43
N GLY D 9 -24.62 19.13 27.21
CA GLY D 9 -25.40 18.09 27.87
C GLY D 9 -25.96 18.57 29.19
N GLY D 10 -26.33 17.64 30.05
CA GLY D 10 -26.94 18.02 31.32
C GLY D 10 -28.13 17.14 31.61
N VAL D 11 -28.94 17.55 32.58
CA VAL D 11 -30.10 16.76 32.95
C VAL D 11 -31.36 17.45 32.50
N VAL D 12 -32.14 16.74 31.71
CA VAL D 12 -33.33 17.27 31.13
C VAL D 12 -34.52 16.56 31.72
N GLN D 13 -35.41 17.28 32.35
CA GLN D 13 -36.52 16.58 32.91
C GLN D 13 -37.38 16.08 31.77
N PRO D 14 -38.13 14.98 31.92
CA PRO D 14 -38.96 14.44 30.89
C PRO D 14 -39.89 15.49 30.30
N GLY D 15 -39.97 15.46 28.98
CA GLY D 15 -40.79 16.38 28.20
C GLY D 15 -40.07 17.66 27.80
N ARG D 16 -38.87 17.89 28.34
CA ARG D 16 -38.13 19.11 28.04
C ARG D 16 -37.19 18.91 26.87
N SER D 17 -36.79 20.01 26.26
CA SER D 17 -35.84 19.99 25.19
C SER D 17 -34.39 20.19 25.66
N LEU D 18 -33.48 19.85 24.75
CA LEU D 18 -32.04 20.03 24.91
C LEU D 18 -31.40 20.40 23.57
N ARG D 19 -30.41 21.28 23.56
CA ARG D 19 -29.71 21.54 22.30
C ARG D 19 -28.22 21.25 22.44
N LEU D 20 -27.77 20.19 21.77
CA LEU D 20 -26.38 19.73 21.81
C LEU D 20 -25.59 20.31 20.68
N SER D 21 -24.28 20.37 20.83
CA SER D 21 -23.49 20.81 19.71
C SER D 21 -22.14 20.10 19.66
N CYS D 22 -21.52 20.08 18.46
CA CYS D 22 -20.20 19.54 18.15
C CYS D 22 -19.39 20.56 17.37
N GLU D 23 -18.37 21.10 17.99
CA GLU D 23 -17.57 22.11 17.34
C GLU D 23 -16.51 21.45 16.49
N ALA D 24 -16.43 21.80 15.22
CA ALA D 24 -15.40 21.25 14.39
C ALA D 24 -14.12 21.98 14.65
N SER D 25 -13.01 21.26 14.65
CA SER D 25 -11.72 21.92 14.76
C SER D 25 -10.71 21.16 13.94
N GLY D 26 -9.85 21.89 13.22
CA GLY D 26 -8.79 21.27 12.44
C GLY D 26 -9.18 20.99 11.00
N PHE D 27 -10.43 21.22 10.68
CA PHE D 27 -10.92 20.99 9.34
C PHE D 27 -12.11 21.86 9.11
N ILE D 28 -12.46 22.02 7.85
CA ILE D 28 -13.67 22.72 7.54
C ILE D 28 -14.68 21.71 7.13
N PHE D 29 -15.84 21.77 7.73
CA PHE D 29 -16.84 20.81 7.36
C PHE D 29 -17.42 21.27 6.04
N SER D 30 -16.78 20.83 4.96
CA SER D 30 -17.12 21.20 3.60
C SER D 30 -17.12 20.03 2.64
N THR D 31 -17.03 18.83 3.20
CA THR D 31 -16.87 17.63 2.40
C THR D 31 -17.98 16.59 2.53
N TYR D 32 -17.84 15.69 3.51
CA TYR D 32 -18.76 14.57 3.66
C TYR D 32 -19.93 14.89 4.58
N GLY D 33 -19.92 14.37 5.80
CA GLY D 33 -21.04 14.66 6.70
C GLY D 33 -20.72 14.36 8.15
N MET D 34 -21.63 14.71 9.05
CA MET D 34 -21.39 14.52 10.48
C MET D 34 -22.43 13.61 11.09
N HIS D 35 -22.02 12.72 11.98
CA HIS D 35 -22.97 11.80 12.59
C HIS D 35 -23.05 11.87 14.08
N TRP D 36 -24.27 11.71 14.58
CA TRP D 36 -24.49 11.56 16.00
C TRP D 36 -24.73 10.09 16.30
N VAL D 37 -23.94 9.58 17.24
CA VAL D 37 -24.03 8.21 17.68
C VAL D 37 -24.32 8.18 19.16
N ARG D 38 -25.34 7.46 19.53
CA ARG D 38 -25.77 7.42 20.91
C ARG D 38 -25.43 6.13 21.62
N GLN D 39 -25.08 6.21 22.89
CA GLN D 39 -24.92 4.98 23.63
C GLN D 39 -25.47 5.01 25.03
N ALA D 40 -26.55 4.28 25.28
CA ALA D 40 -27.07 4.26 26.64
C ALA D 40 -26.06 3.48 27.45
N PRO D 41 -25.77 3.79 28.71
CA PRO D 41 -24.85 3.02 29.50
C PRO D 41 -25.29 1.58 29.54
N GLY D 42 -24.36 0.66 29.33
CA GLY D 42 -24.66 -0.77 29.36
C GLY D 42 -25.19 -1.33 28.03
N LYS D 43 -25.40 -0.45 27.05
CA LYS D 43 -25.94 -0.83 25.77
C LYS D 43 -24.92 -0.61 24.67
N GLY D 44 -25.20 -1.12 23.48
CA GLY D 44 -24.29 -0.94 22.37
C GLY D 44 -24.52 0.41 21.73
N LEU D 45 -23.83 0.65 20.63
CA LEU D 45 -23.91 1.92 19.95
C LEU D 45 -25.13 1.96 19.07
N GLU D 46 -25.76 3.12 18.99
CA GLU D 46 -26.86 3.31 18.07
C GLU D 46 -26.61 4.52 17.24
N TRP D 47 -26.66 4.38 15.95
CA TRP D 47 -26.50 5.57 15.18
C TRP D 47 -27.79 6.32 15.32
N VAL D 48 -27.74 7.62 15.49
CA VAL D 48 -28.98 8.36 15.59
C VAL D 48 -29.27 9.20 14.37
N ALA D 49 -28.30 9.99 13.92
CA ALA D 49 -28.62 10.84 12.78
C ALA D 49 -27.41 11.36 12.03
N VAL D 50 -27.63 11.73 10.76
CA VAL D 50 -26.56 12.35 9.98
C VAL D 50 -27.01 13.61 9.31
N ILE D 51 -26.12 14.58 9.31
CA ILE D 51 -26.29 15.77 8.54
C ILE D 51 -25.15 15.87 7.59
N TRP D 52 -25.46 15.69 6.34
CA TRP D 52 -24.49 15.72 5.29
C TRP D 52 -24.19 17.17 5.01
N PHE D 53 -22.97 17.47 4.60
CA PHE D 53 -22.64 18.84 4.31
C PHE D 53 -23.63 19.49 3.35
N ASP D 54 -24.01 20.71 3.71
CA ASP D 54 -25.00 21.59 3.07
C ASP D 54 -26.45 21.11 3.21
N GLY D 55 -26.66 20.06 4.00
CA GLY D 55 -27.99 19.59 4.34
C GLY D 55 -28.71 18.87 3.22
N SER D 56 -27.98 18.33 2.23
CA SER D 56 -28.62 17.66 1.10
C SER D 56 -29.12 16.27 1.44
N ASN D 57 -28.60 15.73 2.52
CA ASN D 57 -28.89 14.40 3.00
C ASN D 57 -29.05 14.36 4.50
N ILE D 58 -30.30 14.33 4.94
CA ILE D 58 -30.59 14.29 6.37
C ILE D 58 -31.27 12.99 6.68
N TYR D 59 -30.69 12.20 7.56
CA TYR D 59 -31.32 10.92 7.91
C TYR D 59 -31.30 10.70 9.40
N TYR D 60 -32.32 10.01 9.88
CA TYR D 60 -32.45 9.68 11.29
C TYR D 60 -32.78 8.22 11.48
N ALA D 61 -32.44 7.71 12.64
CA ALA D 61 -32.82 6.39 13.09
C ALA D 61 -34.31 6.40 13.36
N ASP D 62 -35.00 5.27 13.17
CA ASP D 62 -36.44 5.25 13.43
C ASP D 62 -36.82 5.64 14.84
N SER D 63 -35.99 5.29 15.80
CA SER D 63 -36.26 5.51 17.21
C SER D 63 -36.39 6.97 17.63
N VAL D 64 -35.90 7.90 16.81
CA VAL D 64 -35.94 9.31 17.12
C VAL D 64 -36.72 10.14 16.10
N LYS D 65 -37.37 9.50 15.13
CA LYS D 65 -38.02 10.32 14.11
C LYS D 65 -39.16 11.13 14.63
N GLY D 66 -39.13 12.41 14.30
CA GLY D 66 -40.14 13.38 14.69
C GLY D 66 -39.84 14.00 16.03
N ARG D 67 -38.79 13.53 16.70
CA ARG D 67 -38.44 14.03 18.03
C ARG D 67 -37.12 14.77 17.95
N PHE D 68 -36.19 14.24 17.14
CA PHE D 68 -34.90 14.91 17.00
C PHE D 68 -34.80 15.62 15.65
N THR D 69 -34.16 16.78 15.65
CA THR D 69 -33.85 17.57 14.45
C THR D 69 -32.36 17.94 14.42
N ILE D 70 -31.72 17.85 13.26
CA ILE D 70 -30.32 18.26 13.22
C ILE D 70 -30.07 19.35 12.20
N SER D 71 -29.08 20.19 12.49
CA SER D 71 -28.74 21.33 11.67
C SER D 71 -27.30 21.79 11.85
N ARG D 72 -26.84 22.68 10.96
CA ARG D 72 -25.49 23.22 11.09
C ARG D 72 -25.42 24.73 11.08
N ASP D 73 -24.54 25.24 11.93
CA ASP D 73 -24.21 26.64 11.97
C ASP D 73 -23.09 26.79 10.98
N ASN D 74 -23.41 27.45 9.88
CA ASN D 74 -22.50 27.49 8.76
C ASN D 74 -21.46 28.59 8.88
N SER D 75 -21.53 29.37 9.97
CA SER D 75 -20.57 30.43 10.21
C SER D 75 -19.54 29.98 11.24
N LYS D 76 -20.00 29.20 12.22
CA LYS D 76 -19.14 28.74 13.31
C LYS D 76 -18.60 27.34 13.11
N ASN D 77 -18.87 26.73 11.96
CA ASN D 77 -18.39 25.39 11.64
C ASN D 77 -18.78 24.43 12.78
N THR D 78 -20.03 24.55 13.22
CA THR D 78 -20.52 23.75 14.34
C THR D 78 -21.82 23.02 14.03
N VAL D 79 -21.87 21.73 14.38
CA VAL D 79 -23.05 20.92 14.16
C VAL D 79 -23.92 20.85 15.41
N PHE D 80 -25.21 21.11 15.23
CA PHE D 80 -26.18 21.14 16.31
C PHE D 80 -27.24 20.06 16.24
N MET D 81 -27.70 19.65 17.41
CA MET D 81 -28.77 18.68 17.52
C MET D 81 -29.84 19.13 18.49
N GLN D 82 -31.04 19.31 17.95
CA GLN D 82 -32.19 19.80 18.68
C GLN D 82 -33.03 18.60 19.10
N MET D 83 -33.09 18.39 20.38
CA MET D 83 -33.78 17.24 20.93
C MET D 83 -35.02 17.69 21.67
N ASP D 84 -36.20 17.45 21.11
CA ASP D 84 -37.43 17.93 21.73
C ASP D 84 -38.17 16.83 22.46
N SER D 85 -38.97 17.20 23.46
CA SER D 85 -39.83 16.23 24.15
C SER D 85 -39.09 14.97 24.57
N LEU D 86 -37.95 15.11 25.23
CA LEU D 86 -37.15 13.96 25.61
C LEU D 86 -37.79 13.02 26.59
N ARG D 87 -37.54 11.72 26.40
CA ARG D 87 -38.10 10.69 27.27
C ARG D 87 -36.99 9.93 27.96
N ALA D 88 -37.32 9.15 29.00
CA ALA D 88 -36.32 8.44 29.79
C ALA D 88 -35.38 7.55 28.98
N GLU D 89 -35.91 6.97 27.91
CA GLU D 89 -35.18 6.06 27.03
C GLU D 89 -34.04 6.73 26.27
N ASP D 90 -34.02 8.05 26.27
CA ASP D 90 -33.00 8.81 25.55
C ASP D 90 -31.75 9.06 26.41
N THR D 91 -31.69 8.50 27.61
CA THR D 91 -30.47 8.71 28.39
C THR D 91 -29.34 8.01 27.69
N ALA D 92 -28.27 8.76 27.42
CA ALA D 92 -27.13 8.22 26.72
C ALA D 92 -25.98 9.17 26.62
N VAL D 93 -24.83 8.65 26.24
CA VAL D 93 -23.75 9.51 25.86
C VAL D 93 -23.89 9.76 24.37
N TYR D 94 -23.89 11.01 23.95
CA TYR D 94 -24.01 11.33 22.56
C TYR D 94 -22.67 11.73 21.99
N TYR D 95 -22.17 10.92 21.07
CA TYR D 95 -20.87 11.11 20.46
C TYR D 95 -20.99 11.75 19.09
N CYS D 96 -20.02 12.61 18.76
CA CYS D 96 -19.86 13.25 17.45
C CYS D 96 -18.81 12.42 16.69
N HIS D 97 -19.20 11.98 15.51
CA HIS D 97 -18.39 11.12 14.66
C HIS D 97 -18.27 11.64 13.22
N ARG D 98 -17.06 11.65 12.61
CA ARG D 98 -17.00 12.09 11.21
C ARG D 98 -16.24 11.14 10.32
N ASN D 99 -16.90 10.07 9.92
CA ASN D 99 -16.29 9.00 9.13
C ASN D 99 -16.46 9.13 7.64
N PHE D 100 -15.36 8.93 6.93
CA PHE D 100 -15.33 8.91 5.47
C PHE D 100 -14.12 8.12 5.01
N TYR D 101 -14.10 7.71 3.75
CA TYR D 101 -12.94 7.01 3.23
C TYR D 101 -12.50 7.73 1.99
N ASP D 102 -11.20 7.89 1.79
CA ASP D 102 -10.86 8.65 0.61
C ASP D 102 -9.49 8.32 0.05
N GLY D 103 -9.41 7.23 -0.71
CA GLY D 103 -8.20 6.87 -1.45
C GLY D 103 -7.05 6.31 -0.63
N SER D 104 -6.46 7.19 0.18
CA SER D 104 -5.29 6.96 0.99
C SER D 104 -5.50 6.13 2.21
N GLY D 105 -6.75 6.04 2.61
CA GLY D 105 -7.12 5.33 3.82
C GLY D 105 -8.43 5.87 4.38
N PRO D 106 -8.86 5.32 5.51
CA PRO D 106 -10.05 5.63 6.25
C PRO D 106 -9.81 6.83 7.12
N PHE D 107 -10.89 7.52 7.46
CA PHE D 107 -10.89 8.55 8.47
C PHE D 107 -12.09 8.28 9.37
N ASP D 108 -11.97 8.43 10.69
CA ASP D 108 -13.13 8.20 11.55
C ASP D 108 -13.48 9.41 12.42
N TYR D 109 -12.60 9.77 13.33
CA TYR D 109 -12.75 10.92 14.19
C TYR D 109 -13.91 10.81 15.14
N TRP D 110 -13.62 10.40 16.35
CA TRP D 110 -14.65 10.38 17.37
C TRP D 110 -14.31 11.38 18.44
N GLY D 111 -15.32 12.01 19.00
CA GLY D 111 -15.13 12.92 20.11
C GLY D 111 -15.21 12.15 21.43
N GLN D 112 -15.48 12.83 22.54
CA GLN D 112 -15.50 12.13 23.82
C GLN D 112 -16.92 11.81 24.24
N GLY D 113 -17.83 12.61 23.73
CA GLY D 113 -19.25 12.46 23.96
C GLY D 113 -19.82 13.31 25.07
N THR D 114 -21.07 13.68 24.89
CA THR D 114 -21.81 14.49 25.83
C THR D 114 -22.86 13.70 26.55
N LEU D 115 -22.84 13.72 27.87
CA LEU D 115 -23.80 12.93 28.59
C LEU D 115 -25.10 13.65 28.81
N VAL D 116 -26.15 13.00 28.33
CA VAL D 116 -27.47 13.51 28.46
C VAL D 116 -28.30 12.57 29.29
N THR D 117 -28.83 13.11 30.37
CA THR D 117 -29.66 12.33 31.25
C THR D 117 -31.04 12.91 31.17
N VAL D 118 -32.03 12.04 31.03
CA VAL D 118 -33.41 12.47 30.88
C VAL D 118 -34.41 12.02 31.96
N SER D 119 -33.92 11.88 33.22
CA SER D 119 -34.65 11.56 34.45
C SER D 119 -34.23 12.56 35.56
N ASP E 1 -34.46 -0.08 6.98
CA ASP E 1 -34.60 -1.04 8.06
C ASP E 1 -33.74 -2.29 7.76
N ILE E 2 -32.45 -2.23 8.17
CA ILE E 2 -31.51 -3.34 8.03
C ILE E 2 -31.06 -3.72 9.40
N GLN E 3 -31.22 -4.97 9.74
CA GLN E 3 -30.80 -5.43 11.04
C GLN E 3 -29.41 -5.97 10.91
N MET E 4 -28.62 -5.71 11.92
CA MET E 4 -27.27 -6.22 11.98
C MET E 4 -27.17 -7.13 13.17
N THR E 5 -26.66 -8.34 12.99
CA THR E 5 -26.57 -9.25 14.10
C THR E 5 -25.23 -9.90 14.31
N GLN E 6 -24.79 -9.86 15.53
CA GLN E 6 -23.59 -10.54 15.97
C GLN E 6 -24.02 -11.68 16.87
N SER E 7 -24.03 -12.88 16.33
CA SER E 7 -24.53 -14.02 17.07
C SER E 7 -23.72 -14.37 18.35
N PRO E 8 -22.38 -14.42 18.35
CA PRO E 8 -21.58 -14.78 19.50
C PRO E 8 -21.49 -13.58 20.40
N SER E 9 -22.55 -13.29 21.13
CA SER E 9 -22.61 -12.06 21.89
C SER E 9 -21.51 -11.97 22.95
N THR E 10 -21.05 -13.11 23.46
CA THR E 10 -19.93 -13.13 24.40
C THR E 10 -18.98 -14.26 24.02
N LEU E 11 -17.69 -13.96 23.99
CA LEU E 11 -16.67 -14.95 23.73
C LEU E 11 -15.61 -14.82 24.79
N SER E 12 -14.88 -15.89 25.05
CA SER E 12 -13.76 -15.79 25.96
C SER E 12 -12.73 -16.81 25.55
N ALA E 13 -11.47 -16.43 25.58
CA ALA E 13 -10.41 -17.35 25.22
C ALA E 13 -9.15 -16.98 25.97
N SER E 14 -8.20 -17.88 26.09
CA SER E 14 -7.00 -17.57 26.86
C SER E 14 -6.06 -16.72 26.03
N VAL E 15 -5.02 -16.21 26.67
CA VAL E 15 -4.10 -15.39 25.92
C VAL E 15 -3.34 -16.27 24.95
N GLY E 16 -3.31 -15.81 23.71
CA GLY E 16 -2.68 -16.52 22.62
C GLY E 16 -3.69 -17.29 21.75
N ASP E 17 -4.95 -17.37 22.18
CA ASP E 17 -5.93 -18.11 21.39
C ASP E 17 -6.51 -17.33 20.23
N ARG E 18 -7.40 -17.98 19.48
CA ARG E 18 -8.02 -17.36 18.32
C ARG E 18 -9.50 -17.16 18.54
N VAL E 19 -9.94 -15.92 18.40
CA VAL E 19 -11.34 -15.59 18.61
C VAL E 19 -12.07 -15.33 17.30
N THR E 20 -13.17 -16.03 17.08
CA THR E 20 -13.95 -15.84 15.84
C THR E 20 -15.28 -15.17 16.11
N ILE E 21 -15.46 -14.00 15.52
CA ILE E 21 -16.67 -13.23 15.68
C ILE E 21 -17.45 -13.14 14.39
N THR E 22 -18.62 -13.73 14.34
CA THR E 22 -19.35 -13.68 13.11
C THR E 22 -20.26 -12.47 13.14
N CYS E 23 -20.77 -12.05 11.96
CA CYS E 23 -21.66 -10.91 11.78
C CYS E 23 -22.52 -11.12 10.54
N ARG E 24 -23.81 -10.91 10.69
CA ARG E 24 -24.71 -11.08 9.58
C ARG E 24 -25.63 -9.89 9.38
N ALA E 25 -26.13 -9.75 8.17
CA ALA E 25 -27.07 -8.67 7.92
C ALA E 25 -28.30 -9.15 7.20
N SER E 26 -29.43 -8.52 7.49
CA SER E 26 -30.69 -8.85 6.83
C SER E 26 -30.74 -8.39 5.38
N GLN E 27 -29.85 -7.48 5.01
CA GLN E 27 -29.72 -6.95 3.68
C GLN E 27 -28.25 -6.90 3.35
N PHE E 28 -27.93 -6.86 2.07
CA PHE E 28 -26.53 -6.87 1.66
C PHE E 28 -25.77 -5.65 2.13
N ILE E 29 -24.57 -5.93 2.62
CA ILE E 29 -23.60 -4.95 3.02
C ILE E 29 -22.66 -4.77 1.84
N SER E 30 -22.40 -5.87 1.14
CA SER E 30 -21.53 -5.88 -0.04
C SER E 30 -20.13 -5.34 0.22
N ARG E 31 -19.57 -5.84 1.30
CA ARG E 31 -18.25 -5.58 1.83
C ARG E 31 -18.08 -4.24 2.49
N TRP E 32 -19.11 -3.41 2.59
CA TRP E 32 -18.97 -2.15 3.28
C TRP E 32 -19.23 -2.30 4.78
N LEU E 33 -18.49 -3.22 5.39
CA LEU E 33 -18.60 -3.51 6.79
C LEU E 33 -17.39 -3.07 7.54
N ALA E 34 -17.57 -2.11 8.41
CA ALA E 34 -16.48 -1.64 9.21
C ALA E 34 -16.52 -2.34 10.53
N TRP E 35 -15.36 -2.64 11.08
CA TRP E 35 -15.38 -3.21 12.43
C TRP E 35 -14.76 -2.25 13.38
N TYR E 36 -15.41 -2.07 14.53
CA TYR E 36 -14.94 -1.16 15.56
C TYR E 36 -14.67 -1.82 16.88
N GLN E 37 -13.68 -1.33 17.57
CA GLN E 37 -13.30 -1.82 18.89
C GLN E 37 -13.61 -0.81 19.97
N GLN E 38 -14.54 -1.11 20.85
CA GLN E 38 -14.84 -0.14 21.88
C GLN E 38 -14.41 -0.56 23.25
N LYS E 39 -13.44 0.14 23.79
CA LYS E 39 -13.02 -0.12 25.14
C LYS E 39 -14.03 0.64 25.96
N PRO E 40 -14.69 0.06 26.96
CA PRO E 40 -15.71 0.74 27.72
C PRO E 40 -15.20 2.05 28.27
N GLY E 41 -16.03 3.08 28.16
CA GLY E 41 -15.70 4.41 28.65
C GLY E 41 -15.06 5.29 27.57
N LYS E 42 -14.71 4.70 26.44
CA LYS E 42 -14.07 5.43 25.37
C LYS E 42 -14.87 5.36 24.08
N ALA E 43 -14.64 6.32 23.19
CA ALA E 43 -15.26 6.22 21.88
C ALA E 43 -14.63 5.04 21.18
N PRO E 44 -15.32 4.32 20.30
CA PRO E 44 -14.81 3.20 19.54
C PRO E 44 -13.76 3.58 18.52
N LYS E 45 -12.80 2.69 18.27
CA LYS E 45 -11.79 2.88 17.25
C LYS E 45 -12.06 2.01 16.05
N LEU E 46 -11.79 2.50 14.85
CA LEU E 46 -11.96 1.64 13.68
C LEU E 46 -10.79 0.65 13.53
N LEU E 47 -11.12 -0.64 13.38
CA LEU E 47 -10.13 -1.69 13.17
C LEU E 47 -10.00 -2.09 11.72
N ILE E 48 -11.15 -2.42 11.15
CA ILE E 48 -11.23 -2.93 9.79
C ILE E 48 -11.98 -1.95 8.92
N TYR E 49 -11.32 -1.50 7.87
CA TYR E 49 -11.80 -0.51 6.92
C TYR E 49 -13.07 -1.02 6.23
N LYS E 50 -12.94 -2.22 5.69
CA LYS E 50 -14.00 -2.90 4.95
C LYS E 50 -13.73 -4.40 4.98
N ALA E 51 -14.62 -5.21 4.44
CA ALA E 51 -14.32 -6.62 4.53
C ALA E 51 -12.92 -6.88 3.95
N SER E 52 -12.14 -7.58 4.75
CA SER E 52 -10.75 -7.97 4.52
C SER E 52 -9.79 -6.83 4.25
N SER E 53 -9.99 -5.69 4.88
CA SER E 53 -9.06 -4.59 4.72
C SER E 53 -8.79 -3.96 6.05
N LEU E 54 -7.58 -4.19 6.56
CA LEU E 54 -7.15 -3.73 7.88
C LEU E 54 -6.66 -2.30 7.81
N GLU E 55 -7.07 -1.47 8.77
CA GLU E 55 -6.58 -0.10 8.84
C GLU E 55 -5.16 0.01 9.37
N SER E 56 -4.36 0.87 8.77
CA SER E 56 -3.01 1.06 9.24
C SER E 56 -3.00 1.52 10.70
N GLY E 57 -2.11 0.94 11.49
CA GLY E 57 -2.00 1.28 12.89
C GLY E 57 -2.74 0.27 13.75
N VAL E 58 -3.54 -0.58 13.11
CA VAL E 58 -4.27 -1.60 13.81
C VAL E 58 -3.39 -2.83 13.71
N PRO E 59 -3.13 -3.56 14.79
CA PRO E 59 -2.26 -4.71 14.79
C PRO E 59 -2.66 -5.70 13.73
N SER E 60 -1.64 -6.32 13.13
CA SER E 60 -1.71 -7.31 12.05
C SER E 60 -2.38 -8.59 12.49
N ARG E 61 -2.56 -8.71 13.79
CA ARG E 61 -3.22 -9.81 14.41
C ARG E 61 -4.70 -9.79 14.05
N PHE E 62 -5.23 -8.61 13.69
CA PHE E 62 -6.61 -8.51 13.32
C PHE E 62 -6.74 -8.77 11.85
N SER E 63 -7.76 -9.51 11.48
CA SER E 63 -8.02 -9.82 10.10
C SER E 63 -9.47 -10.16 9.94
N GLY E 64 -9.95 -10.27 8.72
CA GLY E 64 -11.34 -10.64 8.56
C GLY E 64 -11.69 -10.92 7.12
N SER E 65 -12.94 -11.27 6.92
CA SER E 65 -13.44 -11.63 5.61
C SER E 65 -14.93 -11.50 5.50
N GLY E 66 -15.43 -11.65 4.28
CA GLY E 66 -16.85 -11.64 4.06
C GLY E 66 -17.26 -10.85 2.86
N SER E 67 -18.52 -10.97 2.54
CA SER E 67 -19.19 -10.31 1.43
C SER E 67 -20.67 -10.43 1.61
N GLU E 68 -21.41 -9.88 0.68
CA GLU E 68 -22.85 -10.02 0.73
C GLU E 68 -23.43 -9.69 2.11
N THR E 69 -23.96 -10.71 2.80
CA THR E 69 -24.61 -10.61 4.11
C THR E 69 -23.90 -11.38 5.23
N HIS E 70 -22.73 -11.95 4.96
CA HIS E 70 -22.01 -12.75 5.96
C HIS E 70 -20.54 -12.38 6.10
N PHE E 71 -20.19 -11.91 7.31
CA PHE E 71 -18.86 -11.43 7.63
C PHE E 71 -18.28 -11.99 8.91
N THR E 72 -16.96 -12.06 8.96
CA THR E 72 -16.23 -12.49 10.17
C THR E 72 -15.02 -11.64 10.54
N LEU E 73 -14.88 -11.37 11.83
CA LEU E 73 -13.68 -10.74 12.37
C LEU E 73 -12.89 -11.80 13.12
N THR E 74 -11.61 -11.88 12.81
CA THR E 74 -10.73 -12.82 13.46
C THR E 74 -9.70 -12.11 14.29
N ILE E 75 -9.56 -12.54 15.54
CA ILE E 75 -8.52 -11.96 16.36
C ILE E 75 -7.47 -13.05 16.64
N SER E 76 -6.29 -12.92 16.06
CA SER E 76 -5.25 -13.90 16.28
C SER E 76 -4.45 -13.55 17.50
N SER E 77 -3.90 -14.57 18.16
CA SER E 77 -3.02 -14.35 19.29
C SER E 77 -3.63 -13.38 20.27
N LEU E 78 -4.83 -13.70 20.76
CA LEU E 78 -5.59 -12.82 21.65
C LEU E 78 -4.81 -12.33 22.84
N GLN E 79 -4.84 -11.03 23.06
CA GLN E 79 -4.17 -10.38 24.17
C GLN E 79 -5.17 -9.81 25.18
N PRO E 80 -4.80 -9.54 26.45
CA PRO E 80 -5.62 -8.84 27.44
C PRO E 80 -5.99 -7.44 26.97
N ASP E 81 -5.21 -6.92 26.03
CA ASP E 81 -5.37 -5.60 25.48
C ASP E 81 -6.47 -5.57 24.43
N ASP E 82 -7.00 -6.74 24.11
CA ASP E 82 -8.07 -6.86 23.15
C ASP E 82 -9.41 -6.98 23.85
N VAL E 83 -9.47 -6.83 25.18
CA VAL E 83 -10.80 -6.94 25.74
C VAL E 83 -11.53 -5.66 25.48
N ALA E 84 -12.53 -5.78 24.65
CA ALA E 84 -13.33 -4.70 24.11
C ALA E 84 -14.60 -5.28 23.60
N THR E 85 -15.55 -4.43 23.37
CA THR E 85 -16.75 -4.88 22.71
C THR E 85 -16.54 -4.59 21.23
N TYR E 86 -16.71 -5.59 20.38
CA TYR E 86 -16.49 -5.34 18.95
C TYR E 86 -17.82 -5.13 18.26
N TYR E 87 -17.86 -4.15 17.37
CA TYR E 87 -19.09 -3.82 16.65
C TYR E 87 -18.97 -3.88 15.14
N CYS E 88 -20.07 -4.27 14.49
CA CYS E 88 -20.26 -4.29 13.04
C CYS E 88 -20.94 -3.01 12.62
N GLN E 89 -20.37 -2.33 11.63
CA GLN E 89 -21.03 -1.17 11.08
C GLN E 89 -21.28 -1.23 9.60
N GLU E 90 -22.50 -1.02 9.21
CA GLU E 90 -22.85 -0.97 7.81
C GLU E 90 -22.80 0.45 7.30
N TYR E 91 -22.00 0.71 6.27
CA TYR E 91 -21.93 2.06 5.73
C TYR E 91 -22.15 2.05 4.25
N THR E 92 -23.40 1.84 3.84
CA THR E 92 -23.75 1.71 2.42
C THR E 92 -24.52 2.92 1.92
N SER E 93 -24.83 3.82 2.83
CA SER E 93 -25.61 4.99 2.50
C SER E 93 -25.32 6.14 3.44
N TYR E 94 -26.20 7.11 3.45
CA TYR E 94 -26.02 8.29 4.27
C TYR E 94 -26.48 8.04 5.68
N GLY E 95 -25.66 7.33 6.42
CA GLY E 95 -25.97 6.95 7.79
C GLY E 95 -25.36 5.61 8.08
N ARG E 96 -25.24 5.27 9.34
CA ARG E 96 -24.64 4.01 9.73
C ARG E 96 -25.57 3.12 10.51
N THR E 97 -25.41 1.83 10.37
CA THR E 97 -26.15 0.87 11.20
C THR E 97 -25.20 0.02 12.00
N PHE E 98 -25.44 -0.08 13.30
CA PHE E 98 -24.57 -0.86 14.15
C PHE E 98 -25.16 -2.16 14.64
N GLY E 99 -24.30 -3.14 14.91
CA GLY E 99 -24.67 -4.42 15.51
C GLY E 99 -24.79 -4.29 17.02
N GLN E 100 -25.03 -5.40 17.71
CA GLN E 100 -25.25 -5.36 19.15
C GLN E 100 -24.00 -5.19 19.94
N GLY E 101 -22.90 -5.72 19.43
CA GLY E 101 -21.64 -5.68 20.11
C GLY E 101 -21.32 -7.02 20.74
N THR E 102 -20.10 -7.47 20.54
CA THR E 102 -19.68 -8.73 21.12
C THR E 102 -18.57 -8.53 22.13
N LYS E 103 -18.76 -9.07 23.30
CA LYS E 103 -17.75 -8.88 24.33
C LYS E 103 -16.73 -10.00 24.32
N VAL E 104 -15.46 -9.66 24.16
CA VAL E 104 -14.44 -10.71 24.16
C VAL E 104 -13.59 -10.62 25.42
N GLU E 105 -13.64 -11.66 26.26
CA GLU E 105 -12.93 -11.68 27.54
C GLU E 105 -11.73 -12.66 27.51
N ILE E 106 -10.99 -12.73 28.62
CA ILE E 106 -9.80 -13.59 28.72
C ILE E 106 -9.98 -14.75 29.74
N LYS E 107 -9.66 -16.00 29.31
CA LYS E 107 -9.64 -17.23 30.13
C LYS E 107 -8.23 -17.44 30.76
N GLN F 1 7.26 -29.20 8.44
CA GLN F 1 7.02 -30.34 7.55
C GLN F 1 5.80 -30.07 6.64
N VAL F 2 6.01 -29.22 5.61
CA VAL F 2 5.02 -28.86 4.60
C VAL F 2 5.55 -29.35 3.27
N LYS F 3 4.78 -30.19 2.61
CA LYS F 3 5.18 -30.84 1.39
C LYS F 3 4.15 -30.82 0.28
N LEU F 4 4.68 -30.89 -0.93
CA LEU F 4 3.92 -31.04 -2.14
C LEU F 4 4.42 -32.27 -2.82
N VAL F 5 3.55 -33.26 -3.03
CA VAL F 5 4.06 -34.47 -3.66
C VAL F 5 3.36 -34.80 -4.96
N GLU F 6 4.13 -34.78 -6.06
CA GLU F 6 3.64 -35.02 -7.39
C GLU F 6 3.50 -36.49 -7.76
N SER F 7 2.54 -36.79 -8.60
CA SER F 7 2.35 -38.12 -9.15
C SER F 7 1.60 -38.08 -10.46
N GLY F 8 1.30 -39.26 -11.01
CA GLY F 8 0.55 -39.39 -12.26
C GLY F 8 1.37 -39.23 -13.55
N GLY F 9 2.68 -39.38 -13.47
CA GLY F 9 3.54 -39.22 -14.62
C GLY F 9 3.72 -40.55 -15.32
N GLY F 10 4.80 -40.69 -16.09
CA GLY F 10 5.02 -41.91 -16.85
C GLY F 10 5.27 -41.62 -18.32
N VAL F 11 5.42 -42.67 -19.10
CA VAL F 11 5.68 -42.52 -20.51
C VAL F 11 4.37 -42.60 -21.23
N VAL F 12 4.15 -41.65 -22.11
CA VAL F 12 2.93 -41.58 -22.87
C VAL F 12 3.25 -41.57 -24.36
N GLN F 13 2.42 -42.22 -25.14
CA GLN F 13 2.59 -42.22 -26.58
C GLN F 13 2.15 -40.84 -27.06
N PRO F 14 2.79 -40.22 -28.06
CA PRO F 14 2.36 -38.95 -28.58
C PRO F 14 0.90 -39.03 -28.96
N GLY F 15 0.15 -38.01 -28.58
CA GLY F 15 -1.28 -37.92 -28.85
C GLY F 15 -2.14 -38.42 -27.70
N ARG F 16 -1.53 -39.10 -26.73
CA ARG F 16 -2.25 -39.62 -25.58
C ARG F 16 -2.12 -38.68 -24.39
N SER F 17 -2.86 -38.96 -23.33
CA SER F 17 -2.89 -38.10 -22.17
C SER F 17 -2.38 -38.73 -20.88
N LEU F 18 -2.00 -37.85 -19.95
CA LEU F 18 -1.63 -38.20 -18.57
C LEU F 18 -2.37 -37.28 -17.62
N ARG F 19 -2.65 -37.75 -16.43
CA ARG F 19 -3.29 -36.89 -15.44
C ARG F 19 -2.42 -36.77 -14.22
N LEU F 20 -1.84 -35.60 -14.01
CA LEU F 20 -0.92 -35.43 -12.93
C LEU F 20 -1.67 -34.97 -11.73
N SER F 21 -1.11 -35.22 -10.58
CA SER F 21 -1.71 -34.76 -9.35
C SER F 21 -0.61 -34.32 -8.41
N CYS F 22 -0.96 -33.49 -7.41
CA CYS F 22 -0.06 -33.04 -6.35
C CYS F 22 -0.80 -32.90 -5.03
N GLU F 23 -0.38 -33.73 -4.09
CA GLU F 23 -1.00 -33.79 -2.80
C GLU F 23 -0.48 -32.71 -1.90
N ALA F 24 -1.39 -32.00 -1.23
CA ALA F 24 -0.99 -31.03 -0.23
C ALA F 24 -0.84 -31.71 1.10
N SER F 25 0.27 -31.50 1.77
CA SER F 25 0.45 -32.08 3.08
C SER F 25 1.12 -31.11 4.01
N GLY F 26 0.54 -30.90 5.18
CA GLY F 26 1.11 -29.97 6.15
C GLY F 26 0.47 -28.59 6.03
N PHE F 27 -0.37 -28.41 5.01
CA PHE F 27 -1.05 -27.15 4.82
C PHE F 27 -2.35 -27.44 4.13
N ILE F 28 -3.24 -26.48 4.18
CA ILE F 28 -4.49 -26.60 3.47
C ILE F 28 -4.53 -25.62 2.34
N PHE F 29 -4.89 -26.08 1.16
CA PHE F 29 -5.00 -25.13 0.07
C PHE F 29 -6.33 -24.45 0.28
N SER F 30 -6.25 -23.33 1.00
CA SER F 30 -7.38 -22.51 1.44
C SER F 30 -7.26 -21.01 1.14
N THR F 31 -6.10 -20.58 0.61
CA THR F 31 -5.78 -19.17 0.46
C THR F 31 -5.45 -18.63 -0.92
N TYR F 32 -4.19 -18.79 -1.32
CA TYR F 32 -3.65 -18.20 -2.54
C TYR F 32 -3.84 -19.07 -3.76
N GLY F 33 -2.80 -19.75 -4.20
CA GLY F 33 -2.95 -20.55 -5.41
C GLY F 33 -1.91 -21.63 -5.50
N MET F 34 -1.94 -22.35 -6.61
CA MET F 34 -1.03 -23.45 -6.83
C MET F 34 -0.52 -23.43 -8.27
N HIS F 35 0.76 -23.74 -8.47
CA HIS F 35 1.34 -23.70 -9.80
C HIS F 35 2.05 -24.96 -10.20
N TRP F 36 2.08 -25.19 -11.50
CA TRP F 36 2.94 -26.22 -12.03
C TRP F 36 4.03 -25.56 -12.83
N VAL F 37 5.23 -26.06 -12.63
CA VAL F 37 6.44 -25.60 -13.30
C VAL F 37 7.10 -26.74 -14.04
N ARG F 38 7.38 -26.53 -15.29
CA ARG F 38 7.94 -27.55 -16.12
C ARG F 38 9.40 -27.35 -16.41
N GLN F 39 10.15 -28.42 -16.44
CA GLN F 39 11.53 -28.29 -16.88
C GLN F 39 11.99 -29.40 -17.79
N ALA F 40 12.12 -29.10 -19.07
CA ALA F 40 12.56 -30.11 -20.02
C ALA F 40 14.00 -30.41 -19.63
N PRO F 41 14.51 -31.64 -19.75
CA PRO F 41 15.87 -31.92 -19.38
C PRO F 41 16.82 -31.01 -20.12
N GLY F 42 17.76 -30.41 -19.42
CA GLY F 42 18.78 -29.54 -20.02
C GLY F 42 18.32 -28.10 -20.26
N LYS F 43 17.07 -27.80 -19.96
CA LYS F 43 16.51 -26.48 -20.19
C LYS F 43 16.17 -25.79 -18.88
N GLY F 44 15.77 -24.53 -18.97
CA GLY F 44 15.40 -23.77 -17.79
C GLY F 44 13.99 -24.06 -17.38
N LEU F 45 13.47 -23.32 -16.41
CA LEU F 45 12.15 -23.54 -15.89
C LEU F 45 11.15 -22.83 -16.75
N GLU F 46 9.99 -23.41 -16.88
CA GLU F 46 8.91 -22.79 -17.59
C GLU F 46 7.66 -22.86 -16.75
N TRP F 47 6.99 -21.77 -16.58
CA TRP F 47 5.75 -21.88 -15.83
C TRP F 47 4.71 -22.48 -16.75
N VAL F 48 3.89 -23.40 -16.24
CA VAL F 48 2.83 -24.01 -17.03
C VAL F 48 1.45 -23.50 -16.73
N ALA F 49 1.06 -23.58 -15.47
CA ALA F 49 -0.31 -23.18 -15.15
C ALA F 49 -0.51 -22.79 -13.72
N VAL F 50 -1.51 -21.94 -13.51
CA VAL F 50 -1.91 -21.56 -12.17
C VAL F 50 -3.37 -21.73 -11.97
N ILE F 51 -3.69 -22.24 -10.80
CA ILE F 51 -5.04 -22.34 -10.34
C ILE F 51 -5.13 -21.53 -9.08
N TRP F 52 -6.13 -20.70 -8.98
CA TRP F 52 -6.23 -19.93 -7.79
C TRP F 52 -7.24 -20.59 -6.90
N PHE F 53 -7.05 -20.44 -5.61
CA PHE F 53 -7.96 -20.99 -4.67
C PHE F 53 -9.39 -20.67 -5.08
N ASP F 54 -10.25 -21.65 -4.87
CA ASP F 54 -11.66 -21.70 -5.27
C ASP F 54 -11.85 -21.96 -6.77
N GLY F 55 -10.78 -22.33 -7.48
CA GLY F 55 -10.89 -22.76 -8.87
C GLY F 55 -11.07 -21.63 -9.87
N SER F 56 -10.49 -20.49 -9.58
CA SER F 56 -10.64 -19.33 -10.46
C SER F 56 -9.31 -18.74 -10.86
N ASN F 57 -9.35 -17.60 -11.56
CA ASN F 57 -8.12 -16.94 -11.98
C ASN F 57 -7.21 -17.96 -12.64
N ILE F 58 -7.77 -18.71 -13.58
CA ILE F 58 -7.02 -19.76 -14.22
C ILE F 58 -6.22 -19.22 -15.37
N TYR F 59 -4.91 -19.45 -15.34
CA TYR F 59 -4.05 -18.99 -16.41
C TYR F 59 -3.09 -20.07 -16.85
N TYR F 60 -2.77 -20.04 -18.13
CA TYR F 60 -1.82 -20.98 -18.72
C TYR F 60 -0.80 -20.28 -19.57
N ALA F 61 0.38 -20.85 -19.68
CA ALA F 61 1.37 -20.34 -20.60
C ALA F 61 0.88 -20.61 -22.01
N ASP F 62 1.23 -19.78 -22.98
CA ASP F 62 0.78 -20.03 -24.35
C ASP F 62 1.24 -21.38 -24.89
N SER F 63 2.39 -21.87 -24.43
CA SER F 63 2.96 -23.13 -24.87
C SER F 63 2.18 -24.37 -24.41
N VAL F 64 1.31 -24.21 -23.43
CA VAL F 64 0.54 -25.31 -22.90
C VAL F 64 -0.98 -25.09 -22.98
N LYS F 65 -1.40 -23.83 -23.10
CA LYS F 65 -2.79 -23.47 -23.08
C LYS F 65 -3.58 -24.17 -24.18
N GLY F 66 -4.66 -24.82 -23.76
CA GLY F 66 -5.55 -25.57 -24.65
C GLY F 66 -5.24 -27.06 -24.64
N ARG F 67 -4.06 -27.43 -24.15
CA ARG F 67 -3.66 -28.81 -24.04
C ARG F 67 -3.76 -29.20 -22.57
N PHE F 68 -3.51 -28.23 -21.71
CA PHE F 68 -3.53 -28.45 -20.28
C PHE F 68 -4.76 -27.85 -19.62
N THR F 69 -5.35 -28.61 -18.69
CA THR F 69 -6.46 -28.14 -17.87
C THR F 69 -6.12 -28.30 -16.40
N ILE F 70 -6.31 -27.25 -15.60
CA ILE F 70 -5.95 -27.38 -14.18
C ILE F 70 -7.21 -27.29 -13.33
N SER F 71 -7.33 -28.17 -12.35
CA SER F 71 -8.50 -28.18 -11.46
C SER F 71 -8.19 -28.58 -10.03
N ARG F 72 -9.08 -28.24 -9.11
CA ARG F 72 -8.88 -28.54 -7.70
C ARG F 72 -9.87 -29.52 -7.12
N ASP F 73 -9.35 -30.52 -6.41
CA ASP F 73 -10.18 -31.46 -5.69
C ASP F 73 -10.32 -30.94 -4.28
N ASN F 74 -11.52 -30.47 -3.98
CA ASN F 74 -11.79 -29.80 -2.74
C ASN F 74 -11.97 -30.71 -1.54
N SER F 75 -12.02 -32.01 -1.76
CA SER F 75 -12.21 -32.94 -0.66
C SER F 75 -10.87 -33.54 -0.25
N LYS F 76 -10.00 -33.75 -1.22
CA LYS F 76 -8.70 -34.38 -0.99
C LYS F 76 -7.55 -33.41 -0.83
N ASN F 77 -7.82 -32.11 -0.87
CA ASN F 77 -6.75 -31.09 -0.74
C ASN F 77 -5.65 -31.40 -1.76
N THR F 78 -6.08 -31.70 -3.00
CA THR F 78 -5.18 -32.09 -4.07
C THR F 78 -5.44 -31.33 -5.36
N VAL F 79 -4.37 -30.96 -6.04
CA VAL F 79 -4.50 -30.27 -7.32
C VAL F 79 -4.20 -31.24 -8.44
N PHE F 80 -5.01 -31.17 -9.48
CA PHE F 80 -4.86 -32.03 -10.64
C PHE F 80 -4.60 -31.24 -11.91
N MET F 81 -3.84 -31.84 -12.80
CA MET F 81 -3.60 -31.22 -14.09
C MET F 81 -3.71 -32.24 -15.18
N GLN F 82 -4.66 -32.03 -16.05
CA GLN F 82 -4.96 -32.94 -17.12
C GLN F 82 -4.18 -32.52 -18.32
N MET F 83 -3.32 -33.40 -18.82
CA MET F 83 -2.50 -33.00 -19.95
C MET F 83 -2.89 -33.81 -21.17
N ASP F 84 -3.51 -33.15 -22.15
CA ASP F 84 -4.00 -33.84 -23.33
C ASP F 84 -3.12 -33.66 -24.53
N SER F 85 -3.22 -34.60 -25.46
CA SER F 85 -2.52 -34.52 -26.73
C SER F 85 -1.04 -34.22 -26.55
N LEU F 86 -0.38 -34.98 -25.69
CA LEU F 86 1.02 -34.71 -25.41
C LEU F 86 1.92 -34.91 -26.59
N ARG F 87 2.91 -34.03 -26.70
CA ARG F 87 3.89 -34.00 -27.77
C ARG F 87 5.32 -34.02 -27.25
N ALA F 88 6.29 -34.27 -28.11
CA ALA F 88 7.67 -34.38 -27.65
C ALA F 88 8.16 -33.17 -26.86
N GLU F 89 7.71 -31.97 -27.21
CA GLU F 89 8.14 -30.75 -26.52
C GLU F 89 7.66 -30.67 -25.08
N ASP F 90 6.74 -31.56 -24.68
CA ASP F 90 6.20 -31.57 -23.34
C ASP F 90 7.00 -32.48 -22.44
N THR F 91 8.06 -33.11 -22.94
CA THR F 91 8.85 -33.95 -22.06
C THR F 91 9.52 -33.07 -21.06
N ALA F 92 9.28 -33.36 -19.80
CA ALA F 92 9.79 -32.55 -18.75
C ALA F 92 9.53 -33.10 -17.40
N VAL F 93 10.22 -32.58 -16.42
CA VAL F 93 9.85 -32.84 -15.06
C VAL F 93 8.86 -31.80 -14.64
N TYR F 94 7.72 -32.22 -14.13
CA TYR F 94 6.70 -31.30 -13.70
C TYR F 94 6.66 -31.15 -12.21
N TYR F 95 7.00 -29.97 -11.75
CA TYR F 95 7.11 -29.67 -10.34
C TYR F 95 5.85 -28.97 -9.87
N CYS F 96 5.45 -29.25 -8.63
CA CYS F 96 4.34 -28.62 -7.93
C CYS F 96 4.95 -27.52 -7.05
N HIS F 97 4.44 -26.32 -7.20
CA HIS F 97 4.95 -25.13 -6.52
C HIS F 97 3.88 -24.27 -5.83
N ARG F 98 4.01 -24.04 -4.54
CA ARG F 98 3.05 -23.17 -3.85
C ARG F 98 3.72 -21.96 -3.25
N ASN F 99 3.64 -20.86 -3.95
CA ASN F 99 4.35 -19.66 -3.58
C ASN F 99 3.48 -18.45 -3.33
N PHE F 100 3.70 -17.84 -2.19
CA PHE F 100 3.00 -16.62 -1.77
C PHE F 100 3.85 -15.87 -0.77
N TYR F 101 3.54 -14.58 -0.56
CA TYR F 101 4.30 -13.84 0.43
C TYR F 101 3.36 -13.13 1.39
N ASP F 102 3.73 -13.11 2.68
CA ASP F 102 2.95 -12.35 3.65
C ASP F 102 3.54 -12.40 5.05
N GLY F 103 3.17 -11.40 5.84
CA GLY F 103 3.46 -11.44 7.24
C GLY F 103 4.93 -11.53 7.52
N SER F 104 5.30 -12.58 8.24
CA SER F 104 6.65 -12.87 8.66
C SER F 104 7.60 -13.28 7.56
N GLY F 105 7.11 -13.64 6.37
CA GLY F 105 8.07 -14.06 5.37
C GLY F 105 7.50 -14.66 4.09
N PRO F 106 8.39 -15.06 3.19
CA PRO F 106 8.10 -15.72 1.96
C PRO F 106 7.77 -17.17 2.18
N PHE F 107 6.94 -17.73 1.33
CA PHE F 107 6.66 -19.15 1.33
C PHE F 107 6.88 -19.69 -0.06
N ASP F 108 7.83 -20.62 -0.24
CA ASP F 108 8.10 -21.09 -1.60
C ASP F 108 7.50 -22.46 -1.93
N TYR F 109 7.59 -23.40 -1.00
CA TYR F 109 7.06 -24.76 -1.14
C TYR F 109 7.21 -25.50 -2.49
N TRP F 110 8.37 -26.13 -2.71
CA TRP F 110 8.53 -26.95 -3.93
C TRP F 110 8.45 -28.43 -3.63
N GLY F 111 7.90 -29.19 -4.57
CA GLY F 111 7.87 -30.64 -4.50
C GLY F 111 9.11 -31.21 -5.18
N GLN F 112 9.07 -32.48 -5.60
CA GLN F 112 10.28 -33.07 -6.19
C GLN F 112 10.19 -33.18 -7.69
N GLY F 113 8.98 -33.32 -8.18
CA GLY F 113 8.72 -33.39 -9.60
C GLY F 113 8.42 -34.77 -10.14
N THR F 114 7.45 -34.85 -11.02
CA THR F 114 7.07 -36.12 -11.64
C THR F 114 7.49 -36.07 -13.10
N LEU F 115 8.11 -37.12 -13.58
CA LEU F 115 8.58 -37.10 -14.94
C LEU F 115 7.58 -37.57 -15.96
N VAL F 116 7.41 -36.74 -16.96
CA VAL F 116 6.56 -36.98 -18.09
C VAL F 116 7.39 -37.10 -19.33
N THR F 117 7.29 -38.24 -19.97
CA THR F 117 8.05 -38.48 -21.18
C THR F 117 7.16 -38.81 -22.32
N VAL F 118 7.35 -38.15 -23.44
CA VAL F 118 6.52 -38.49 -24.57
C VAL F 118 7.43 -39.24 -25.57
N SER F 119 7.09 -40.50 -25.89
CA SER F 119 7.90 -41.42 -26.73
C SER F 119 7.12 -41.99 -27.93
N ASP G 1 2.36 -10.43 -21.48
CA ASP G 1 3.52 -11.14 -22.01
C ASP G 1 4.83 -10.46 -21.52
N ILE G 2 5.16 -10.63 -20.22
CA ILE G 2 6.35 -10.01 -19.65
C ILE G 2 7.52 -10.93 -19.85
N GLN G 3 8.23 -10.71 -20.91
CA GLN G 3 9.38 -11.53 -21.18
C GLN G 3 10.48 -11.17 -20.23
N MET G 4 11.16 -12.18 -19.71
CA MET G 4 12.25 -11.95 -18.79
C MET G 4 13.53 -12.44 -19.38
N THR G 5 14.52 -11.58 -19.50
CA THR G 5 15.77 -12.00 -20.08
C THR G 5 16.99 -11.84 -19.22
N GLN G 6 17.74 -12.90 -19.12
CA GLN G 6 18.98 -12.86 -18.37
C GLN G 6 20.08 -12.78 -19.40
N SER G 7 20.77 -11.66 -19.42
CA SER G 7 21.76 -11.45 -20.46
C SER G 7 23.02 -12.35 -20.38
N PRO G 8 23.77 -12.41 -19.27
CA PRO G 8 25.00 -13.16 -19.17
C PRO G 8 24.69 -14.59 -18.93
N SER G 9 24.16 -15.31 -19.92
CA SER G 9 23.69 -16.67 -19.67
C SER G 9 24.76 -17.64 -19.19
N THR G 10 26.04 -17.39 -19.49
CA THR G 10 27.09 -18.25 -18.96
C THR G 10 28.16 -17.43 -18.25
N LEU G 11 28.43 -17.76 -17.00
CA LEU G 11 29.45 -17.11 -16.18
C LEU G 11 30.42 -18.11 -15.62
N SER G 12 31.63 -17.67 -15.35
CA SER G 12 32.58 -18.51 -14.65
C SER G 12 33.59 -17.64 -13.94
N ALA G 13 33.90 -18.00 -12.70
CA ALA G 13 34.88 -17.23 -11.93
C ALA G 13 35.54 -18.11 -10.89
N SER G 14 36.69 -17.72 -10.39
CA SER G 14 37.35 -18.51 -9.36
C SER G 14 36.68 -18.38 -8.01
N VAL G 15 37.02 -19.27 -7.10
CA VAL G 15 36.41 -19.22 -5.78
C VAL G 15 36.86 -17.98 -5.04
N GLY G 16 35.89 -17.27 -4.50
CA GLY G 16 36.11 -16.05 -3.76
C GLY G 16 35.87 -14.83 -4.64
N ASP G 17 35.72 -15.04 -5.94
CA ASP G 17 35.49 -13.96 -6.88
C ASP G 17 34.04 -13.48 -6.83
N ARG G 18 33.81 -12.29 -7.35
CA ARG G 18 32.46 -11.71 -7.37
C ARG G 18 31.86 -11.73 -8.77
N VAL G 19 30.67 -12.29 -8.88
CA VAL G 19 30.00 -12.33 -10.18
C VAL G 19 28.61 -11.75 -10.12
N THR G 20 28.09 -11.28 -11.25
CA THR G 20 26.73 -10.77 -11.25
C THR G 20 25.92 -11.27 -12.42
N ILE G 21 24.62 -11.38 -12.21
CA ILE G 21 23.68 -11.77 -13.25
C ILE G 21 22.63 -10.68 -13.45
N THR G 22 22.50 -10.21 -14.69
CA THR G 22 21.56 -9.13 -14.96
C THR G 22 20.29 -9.65 -15.66
N CYS G 23 19.11 -9.37 -15.07
CA CYS G 23 17.77 -9.72 -15.52
C CYS G 23 17.01 -8.48 -15.95
N ARG G 24 16.59 -8.47 -17.19
CA ARG G 24 15.88 -7.35 -17.75
C ARG G 24 14.49 -7.72 -18.19
N ALA G 25 13.53 -7.05 -17.63
CA ALA G 25 12.14 -7.32 -17.97
C ALA G 25 11.80 -6.48 -19.17
N SER G 26 10.94 -6.97 -20.04
CA SER G 26 10.51 -6.16 -21.17
C SER G 26 9.43 -5.16 -20.76
N GLN G 27 8.92 -5.35 -19.56
CA GLN G 27 7.85 -4.54 -19.00
C GLN G 27 8.17 -4.17 -17.58
N PHE G 28 7.55 -3.11 -17.13
CA PHE G 28 7.63 -2.67 -15.75
C PHE G 28 7.03 -3.72 -14.81
N ILE G 29 7.78 -4.14 -13.78
CA ILE G 29 7.24 -5.12 -12.83
C ILE G 29 7.25 -4.68 -11.36
N SER G 30 7.57 -3.43 -11.09
CA SER G 30 7.54 -2.82 -9.75
C SER G 30 8.23 -3.59 -8.64
N ARG G 31 9.42 -4.08 -8.87
CA ARG G 31 10.20 -4.86 -7.89
C ARG G 31 9.65 -6.22 -7.54
N TRP G 32 8.64 -6.69 -8.23
CA TRP G 32 8.16 -8.01 -7.90
C TRP G 32 8.96 -9.05 -8.63
N LEU G 33 10.21 -9.19 -8.23
CA LEU G 33 11.12 -10.11 -8.87
C LEU G 33 11.85 -10.96 -7.86
N ALA G 34 11.76 -12.26 -8.04
CA ALA G 34 12.42 -13.23 -7.17
C ALA G 34 13.57 -13.89 -7.89
N TRP G 35 14.56 -14.36 -7.15
CA TRP G 35 15.63 -15.12 -7.77
C TRP G 35 15.73 -16.48 -7.14
N TYR G 36 15.98 -17.48 -7.97
CA TYR G 36 16.12 -18.88 -7.57
C TYR G 36 17.44 -19.48 -7.96
N GLN G 37 17.90 -20.41 -7.13
CA GLN G 37 19.12 -21.18 -7.35
C GLN G 37 18.81 -22.65 -7.57
N GLN G 38 19.09 -23.19 -8.74
CA GLN G 38 18.77 -24.58 -8.93
C GLN G 38 19.99 -25.48 -9.00
N LYS G 39 20.11 -26.34 -8.01
CA LYS G 39 21.22 -27.26 -7.96
C LYS G 39 20.84 -28.44 -8.81
N PRO G 40 21.76 -29.13 -9.48
CA PRO G 40 21.45 -30.29 -10.25
C PRO G 40 20.73 -31.32 -9.41
N GLY G 41 19.65 -31.86 -9.95
CA GLY G 41 18.87 -32.88 -9.27
C GLY G 41 17.82 -32.35 -8.28
N LYS G 42 17.77 -31.04 -8.08
CA LYS G 42 16.83 -30.50 -7.10
C LYS G 42 15.85 -29.47 -7.63
N ALA G 43 14.73 -29.36 -6.93
CA ALA G 43 13.78 -28.31 -7.26
C ALA G 43 14.49 -27.01 -6.93
N PRO G 44 14.20 -25.90 -7.60
CA PRO G 44 14.79 -24.59 -7.36
C PRO G 44 14.62 -24.08 -5.95
N LYS G 45 15.65 -23.46 -5.42
CA LYS G 45 15.61 -22.86 -4.10
C LYS G 45 15.44 -21.35 -4.19
N LEU G 46 14.53 -20.79 -3.42
CA LEU G 46 14.39 -19.33 -3.46
C LEU G 46 15.53 -18.66 -2.71
N LEU G 47 16.17 -17.66 -3.31
CA LEU G 47 17.21 -16.92 -2.62
C LEU G 47 16.80 -15.51 -2.27
N ILE G 48 16.23 -14.82 -3.24
CA ILE G 48 15.83 -13.43 -3.06
C ILE G 48 14.38 -13.37 -3.39
N TYR G 49 13.56 -12.80 -2.55
CA TYR G 49 12.19 -12.79 -2.96
C TYR G 49 11.69 -11.48 -3.46
N LYS G 50 12.24 -10.38 -3.01
CA LYS G 50 11.70 -9.12 -3.52
C LYS G 50 12.75 -8.07 -3.80
N ALA G 51 13.37 -8.12 -4.97
CA ALA G 51 14.34 -7.12 -5.38
C ALA G 51 15.28 -6.72 -4.24
N SER G 52 16.03 -7.70 -3.73
CA SER G 52 17.01 -7.63 -2.61
C SER G 52 16.53 -8.10 -1.25
N SER G 53 15.24 -8.25 -1.01
CA SER G 53 14.86 -8.82 0.28
C SER G 53 15.14 -10.31 0.20
N LEU G 54 15.95 -10.83 1.14
CA LEU G 54 16.39 -12.23 1.10
C LEU G 54 15.49 -13.23 1.81
N GLU G 55 15.57 -14.47 1.33
CA GLU G 55 14.94 -15.63 1.92
C GLU G 55 15.73 -16.04 3.15
N SER G 56 15.06 -16.39 4.23
CA SER G 56 15.77 -16.79 5.42
C SER G 56 16.64 -17.99 5.13
N GLY G 57 17.85 -18.00 5.66
CA GLY G 57 18.78 -19.12 5.47
C GLY G 57 19.76 -18.89 4.31
N VAL G 58 19.53 -17.85 3.53
CA VAL G 58 20.39 -17.52 2.41
C VAL G 58 21.71 -16.91 2.85
N PRO G 59 22.86 -17.41 2.37
CA PRO G 59 24.18 -16.93 2.69
C PRO G 59 24.28 -15.46 2.36
N SER G 60 25.08 -14.75 3.15
CA SER G 60 25.34 -13.30 3.04
C SER G 60 26.02 -12.94 1.73
N ARG G 61 26.51 -13.96 1.06
CA ARG G 61 27.14 -13.84 -0.23
C ARG G 61 26.14 -13.32 -1.24
N PHE G 62 24.88 -13.72 -1.08
CA PHE G 62 23.89 -13.33 -2.06
C PHE G 62 23.22 -12.05 -1.74
N SER G 63 23.08 -11.25 -2.76
CA SER G 63 22.37 -10.01 -2.65
C SER G 63 21.87 -9.65 -4.01
N GLY G 64 21.29 -8.50 -4.11
CA GLY G 64 20.76 -8.05 -5.36
C GLY G 64 20.01 -6.80 -5.11
N SER G 65 19.63 -6.14 -6.18
CA SER G 65 18.88 -4.89 -6.13
C SER G 65 18.28 -4.64 -7.48
N GLY G 66 17.41 -3.64 -7.57
CA GLY G 66 16.92 -3.27 -8.89
C GLY G 66 15.58 -2.63 -8.87
N SER G 67 15.15 -2.16 -10.03
CA SER G 67 13.86 -1.53 -10.10
C SER G 67 13.25 -1.43 -11.48
N GLU G 68 11.95 -1.67 -11.56
CA GLU G 68 11.06 -1.31 -12.70
C GLU G 68 11.24 -2.22 -13.90
N THR G 69 12.45 -2.32 -14.43
CA THR G 69 12.83 -3.24 -15.50
C THR G 69 14.22 -3.81 -15.38
N HIS G 70 15.09 -3.21 -14.57
CA HIS G 70 16.47 -3.68 -14.60
C HIS G 70 16.87 -4.16 -13.21
N PHE G 71 17.17 -5.46 -13.10
CA PHE G 71 17.51 -6.07 -11.84
C PHE G 71 18.78 -6.90 -11.87
N THR G 72 19.51 -6.94 -10.76
CA THR G 72 20.74 -7.74 -10.70
C THR G 72 20.88 -8.60 -9.46
N LEU G 73 21.36 -9.81 -9.68
CA LEU G 73 21.73 -10.76 -8.63
C LEU G 73 23.22 -10.70 -8.49
N THR G 74 23.72 -10.59 -7.28
CA THR G 74 25.16 -10.55 -7.14
C THR G 74 25.60 -11.65 -6.21
N ILE G 75 26.77 -12.23 -6.47
CA ILE G 75 27.32 -13.21 -5.57
C ILE G 75 28.72 -12.84 -5.12
N SER G 76 28.87 -12.46 -3.87
CA SER G 76 30.18 -12.07 -3.36
C SER G 76 30.86 -13.32 -2.89
N SER G 77 32.18 -13.37 -2.95
CA SER G 77 32.89 -14.52 -2.40
C SER G 77 32.33 -15.85 -2.90
N LEU G 78 32.17 -16.00 -4.22
CA LEU G 78 31.56 -17.18 -4.85
C LEU G 78 32.17 -18.49 -4.41
N GLN G 79 31.34 -19.45 -4.00
CA GLN G 79 31.82 -20.75 -3.58
C GLN G 79 31.48 -21.85 -4.58
N PRO G 80 32.14 -23.02 -4.56
CA PRO G 80 31.80 -24.19 -5.38
C PRO G 80 30.37 -24.66 -5.11
N ASP G 81 29.87 -24.30 -3.94
CA ASP G 81 28.55 -24.68 -3.51
C ASP G 81 27.47 -23.85 -4.18
N ASP G 82 27.90 -22.86 -4.97
CA ASP G 82 27.01 -22.01 -5.69
C ASP G 82 26.95 -22.38 -7.17
N VAL G 83 27.47 -23.55 -7.55
CA VAL G 83 27.33 -23.85 -8.95
C VAL G 83 25.95 -24.38 -9.20
N ALA G 84 25.16 -23.49 -9.72
CA ALA G 84 23.75 -23.64 -9.94
C ALA G 84 23.32 -22.78 -11.10
N THR G 85 22.16 -23.09 -11.63
CA THR G 85 21.60 -22.23 -12.65
C THR G 85 20.69 -21.26 -11.93
N TYR G 86 20.85 -19.98 -12.18
CA TYR G 86 20.03 -19.01 -11.51
C TYR G 86 18.92 -18.56 -12.39
N TYR G 87 17.76 -18.35 -11.81
CA TYR G 87 16.62 -17.90 -12.57
C TYR G 87 16.04 -16.68 -11.90
N CYS G 88 15.52 -15.74 -12.69
CA CYS G 88 14.80 -14.58 -12.19
C CYS G 88 13.33 -14.89 -12.45
N GLN G 89 12.45 -14.48 -11.55
CA GLN G 89 11.03 -14.73 -11.69
C GLN G 89 10.12 -13.54 -11.48
N GLU G 90 9.33 -13.23 -12.48
CA GLU G 90 8.35 -12.17 -12.40
C GLU G 90 7.12 -12.66 -11.70
N TYR G 91 6.66 -11.96 -10.66
CA TYR G 91 5.47 -12.42 -9.95
C TYR G 91 4.47 -11.31 -9.70
N THR G 92 4.11 -10.56 -10.74
CA THR G 92 3.22 -9.41 -10.59
C THR G 92 1.76 -9.80 -10.66
N SER G 93 1.47 -11.00 -11.11
CA SER G 93 0.10 -11.41 -11.33
C SER G 93 -0.12 -12.89 -11.09
N TYR G 94 -1.14 -13.43 -11.71
CA TYR G 94 -1.44 -14.82 -11.53
C TYR G 94 -0.60 -15.56 -12.54
N GLY G 95 0.26 -16.40 -12.05
CA GLY G 95 1.19 -17.11 -12.90
C GLY G 95 2.52 -16.41 -12.78
N ARG G 96 3.60 -17.07 -13.18
CA ARG G 96 4.92 -16.52 -13.01
C ARG G 96 5.74 -16.65 -14.27
N THR G 97 6.65 -15.73 -14.50
CA THR G 97 7.52 -15.91 -15.67
C THR G 97 8.98 -16.01 -15.30
N PHE G 98 9.61 -17.06 -15.79
CA PHE G 98 11.00 -17.29 -15.50
C PHE G 98 11.92 -16.84 -16.62
N GLY G 99 13.12 -16.41 -16.26
CA GLY G 99 14.13 -16.05 -17.25
C GLY G 99 14.74 -17.33 -17.81
N GLN G 100 15.65 -17.21 -18.76
CA GLN G 100 16.22 -18.39 -19.42
C GLN G 100 17.04 -19.29 -18.54
N GLY G 101 17.72 -18.73 -17.57
CA GLY G 101 18.56 -19.47 -16.69
C GLY G 101 20.00 -19.15 -16.98
N THR G 102 20.69 -18.70 -15.95
CA THR G 102 22.08 -18.36 -16.06
C THR G 102 22.97 -19.23 -15.22
N LYS G 103 23.89 -19.90 -15.87
CA LYS G 103 24.73 -20.85 -15.17
C LYS G 103 26.03 -20.25 -14.68
N VAL G 104 26.36 -20.47 -13.40
CA VAL G 104 27.63 -19.96 -12.90
C VAL G 104 28.57 -21.09 -12.52
N GLU G 105 29.72 -21.16 -13.20
CA GLU G 105 30.72 -22.18 -12.94
C GLU G 105 31.95 -21.63 -12.21
N ILE G 106 32.86 -22.54 -11.89
CA ILE G 106 34.07 -22.20 -11.15
C ILE G 106 35.36 -22.39 -11.96
N LYS G 107 36.26 -21.39 -11.90
CA LYS G 107 37.61 -21.37 -12.52
C LYS G 107 38.66 -21.83 -11.48
#